data_7DRG
#
_entry.id   7DRG
#
_cell.length_a   81.244
_cell.length_b   46.036
_cell.length_c   97.740
_cell.angle_alpha   90.000
_cell.angle_beta   95.700
_cell.angle_gamma   90.000
#
_symmetry.space_group_name_H-M   'P 1 21 1'
#
loop_
_entity.id
_entity.type
_entity.pdbx_description
1 polymer PA0821
2 water water
#
_entity_poly.entity_id   1
_entity_poly.type   'polypeptide(L)'
_entity_poly.pdbx_seq_one_letter_code
;(MSE)EQPFDLAAELAKQPHLLEIAGNLL(MSE)KSGPEDYIGAVLCLRGTLYFKKAHTPLVRESLCQCFDEFERLAEPH
LTWLWREEPAQGKPLTAYRDTQPLRE(MSE)(MSE)GA(MSE)DEDDHLSFCYTSGKKSRDAGAWLFDIYGKRSWQAK
(MSE)GHDLSVLEFSVPLLYQERQPLDFLQLFIDFARRLEPEQGYAGHAYNLSPTSWDNDEPSEAF(MSE)AAR(MSE)P
GLDVGTACLLANTPEFKPTRIKTVSWLTLLNNERLALAGGLDALRAQLPSSHFAFYRYGDGVVIQAGAYPYIAGDAEDSR
PAPYVLLNHALKGIRYETIGSLHGGSHDGELRLVGWAADQWLKRLDVEDSEIPRWCDKLLSAEPYLDATNTLPERL
;
_entity_poly.pdbx_strand_id   A,B
#
# COMPACT_ATOMS: atom_id res chain seq x y z
N PRO A 4 -3.39 15.17 15.40
CA PRO A 4 -4.24 15.55 16.53
C PRO A 4 -3.44 16.11 17.69
N PHE A 5 -2.71 17.20 17.47
CA PHE A 5 -2.04 17.86 18.58
C PHE A 5 -3.01 18.08 19.74
N ASP A 6 -4.15 18.70 19.45
CA ASP A 6 -5.26 18.84 20.38
C ASP A 6 -6.41 18.04 19.78
N LEU A 7 -6.61 16.82 20.30
CA LEU A 7 -7.57 15.91 19.67
C LEU A 7 -8.99 16.46 19.73
N ALA A 8 -9.40 16.96 20.90
CA ALA A 8 -10.74 17.55 21.01
C ALA A 8 -10.93 18.69 20.04
N ALA A 9 -9.94 19.57 19.91
CA ALA A 9 -10.03 20.67 18.96
C ALA A 9 -10.11 20.15 17.52
N GLU A 10 -9.38 19.07 17.21
CA GLU A 10 -9.43 18.52 15.86
C GLU A 10 -10.79 17.88 15.58
N LEU A 11 -11.35 17.18 16.55
CA LEU A 11 -12.68 16.60 16.38
C LEU A 11 -13.77 17.66 16.27
N ALA A 12 -13.53 18.86 16.80
CA ALA A 12 -14.51 19.94 16.65
C ALA A 12 -14.67 20.33 15.19
N LYS A 13 -13.58 20.32 14.42
CA LYS A 13 -13.63 20.68 13.02
C LYS A 13 -13.92 19.49 12.12
N GLN A 14 -13.55 18.28 12.54
CA GLN A 14 -13.86 17.05 11.82
C GLN A 14 -14.39 16.02 12.82
N PRO A 15 -15.70 15.99 13.04
CA PRO A 15 -16.26 15.04 14.03
C PRO A 15 -15.99 13.58 13.71
N HIS A 16 -15.93 13.22 12.42
CA HIS A 16 -15.70 11.84 12.01
C HIS A 16 -14.24 11.59 11.63
N LEU A 17 -13.31 12.40 12.17
CA LEU A 17 -11.89 12.26 11.83
C LEU A 17 -11.35 10.88 12.18
N LEU A 18 -11.79 10.30 13.28
CA LEU A 18 -11.28 9.00 13.70
C LEU A 18 -11.97 7.82 13.00
N GLU A 19 -12.97 8.09 12.16
CA GLU A 19 -13.78 7.05 11.53
C GLU A 19 -13.49 6.93 10.05
N ILE A 20 -13.66 5.72 9.54
CA ILE A 20 -13.65 5.44 8.11
C ILE A 20 -15.01 4.83 7.76
N ALA A 21 -15.69 5.44 6.79
CA ALA A 21 -17.05 5.03 6.47
C ALA A 21 -17.07 3.67 5.81
N GLY A 22 -18.13 2.91 6.09
CA GLY A 22 -18.34 1.62 5.45
C GLY A 22 -19.35 1.73 4.32
N GLU A 31 -27.56 1.31 4.46
CA GLU A 31 -26.38 0.54 4.02
C GLU A 31 -25.09 1.21 4.43
N ASP A 32 -25.19 2.34 5.15
CA ASP A 32 -24.02 3.07 5.61
C ASP A 32 -23.70 2.68 7.05
N TYR A 33 -22.44 2.37 7.30
CA TYR A 33 -22.01 1.96 8.63
C TYR A 33 -20.58 2.46 8.85
N ILE A 34 -20.14 2.40 10.10
CA ILE A 34 -18.77 2.79 10.45
C ILE A 34 -17.88 1.59 10.18
N GLY A 35 -16.98 1.72 9.20
CA GLY A 35 -16.11 0.61 8.85
C GLY A 35 -14.89 0.48 9.74
N ALA A 36 -14.43 1.58 10.31
CA ALA A 36 -13.25 1.55 11.16
C ALA A 36 -13.28 2.75 12.10
N VAL A 37 -12.76 2.57 13.31
CA VAL A 37 -12.62 3.69 14.23
C VAL A 37 -11.27 3.59 14.95
N LEU A 38 -10.57 4.71 15.01
CA LEU A 38 -9.27 4.77 15.67
C LEU A 38 -9.46 4.84 17.18
N CYS A 39 -8.76 3.98 17.91
CA CYS A 39 -8.93 3.88 19.35
C CYS A 39 -7.63 3.40 19.98
N LEU A 40 -7.65 3.21 21.30
CA LEU A 40 -6.52 2.66 22.04
C LEU A 40 -6.82 1.18 22.32
N ARG A 41 -6.07 0.29 21.68
CA ARG A 41 -6.34 -1.13 21.71
C ARG A 41 -5.17 -1.90 22.30
N GLY A 42 -5.47 -2.85 23.17
CA GLY A 42 -4.47 -3.79 23.66
C GLY A 42 -4.72 -5.17 23.09
N THR A 43 -3.64 -5.88 22.79
CA THR A 43 -3.70 -7.21 22.19
C THR A 43 -2.80 -8.13 23.01
N LEU A 44 -3.35 -9.22 23.52
CA LEU A 44 -2.60 -10.18 24.31
C LEU A 44 -2.71 -11.55 23.67
N TYR A 45 -1.58 -12.20 23.43
CA TYR A 45 -1.53 -13.56 22.91
C TYR A 45 -1.18 -14.50 24.06
N PHE A 46 -2.05 -15.47 24.33
CA PHE A 46 -1.90 -16.28 25.53
C PHE A 46 -2.33 -17.71 25.23
N LYS A 47 -1.95 -18.63 26.12
CA LYS A 47 -2.24 -20.04 25.90
C LYS A 47 -3.16 -20.58 26.99
N LYS A 48 -3.67 -21.79 26.71
CA LYS A 48 -4.53 -22.57 27.60
C LYS A 48 -5.94 -22.00 27.73
N ALA A 49 -6.45 -21.34 26.68
CA ALA A 49 -7.80 -20.80 26.73
C ALA A 49 -8.85 -21.89 26.87
N HIS A 50 -8.49 -23.14 26.60
CA HIS A 50 -9.43 -24.25 26.71
C HIS A 50 -9.54 -24.80 28.13
N THR A 51 -8.70 -24.32 29.11
CA THR A 51 -8.67 -24.82 30.47
C THR A 51 -9.56 -23.98 31.38
N PRO A 52 -10.15 -24.59 32.41
CA PRO A 52 -11.06 -23.84 33.29
C PRO A 52 -10.39 -22.71 34.04
N LEU A 53 -9.11 -22.86 34.39
CA LEU A 53 -8.42 -21.81 35.14
C LEU A 53 -8.32 -20.54 34.31
N VAL A 54 -7.93 -20.68 33.04
CA VAL A 54 -7.78 -19.52 32.18
C VAL A 54 -9.13 -18.93 31.81
N ARG A 55 -10.16 -19.76 31.66
CA ARG A 55 -11.49 -19.23 31.35
C ARG A 55 -12.01 -18.34 32.47
N GLU A 56 -11.77 -18.74 33.72
CA GLU A 56 -12.14 -17.87 34.83
C GLU A 56 -11.33 -16.58 34.82
N SER A 57 -10.04 -16.66 34.47
CA SER A 57 -9.22 -15.45 34.38
C SER A 57 -9.78 -14.49 33.33
N LEU A 58 -10.20 -15.02 32.18
CA LEU A 58 -10.81 -14.17 31.16
C LEU A 58 -12.07 -13.50 31.69
N CYS A 59 -12.85 -14.22 32.51
CA CYS A 59 -14.06 -13.63 33.06
C CYS A 59 -13.73 -12.57 34.10
N GLN A 60 -12.66 -12.76 34.87
CA GLN A 60 -12.19 -11.71 35.78
C GLN A 60 -11.74 -10.48 34.99
N CYS A 61 -11.07 -10.70 33.86
CA CYS A 61 -10.70 -9.59 32.98
C CYS A 61 -11.93 -8.83 32.51
N PHE A 62 -12.98 -9.54 32.06
CA PHE A 62 -14.17 -8.86 31.60
C PHE A 62 -14.87 -8.12 32.73
N ASP A 63 -14.95 -8.72 33.92
CA ASP A 63 -15.46 -8.02 35.09
C ASP A 63 -14.81 -6.65 35.22
N GLU A 64 -13.49 -6.61 35.11
CA GLU A 64 -12.74 -5.37 35.26
C GLU A 64 -13.03 -4.41 34.11
N PHE A 65 -13.04 -4.91 32.87
CA PHE A 65 -13.35 -4.06 31.72
C PHE A 65 -14.77 -3.50 31.83
N GLU A 66 -15.71 -4.34 32.25
CA GLU A 66 -17.11 -3.94 32.31
C GLU A 66 -17.36 -2.82 33.31
N ARG A 67 -16.57 -2.73 34.39
CA ARG A 67 -16.74 -1.61 35.31
C ARG A 67 -16.56 -0.28 34.60
N LEU A 68 -15.73 -0.24 33.56
CA LEU A 68 -15.52 0.99 32.78
C LEU A 68 -16.48 1.10 31.60
N ALA A 69 -16.74 -0.02 30.93
CA ALA A 69 -17.40 -0.01 29.63
C ALA A 69 -18.90 -0.21 29.67
N GLU A 70 -19.45 -0.69 30.78
CA GLU A 70 -20.89 -0.97 30.89
C GLU A 70 -21.78 0.14 30.35
N PRO A 71 -21.54 1.43 30.60
CA PRO A 71 -22.44 2.45 30.05
C PRO A 71 -22.43 2.52 28.53
N HIS A 72 -21.39 1.99 27.86
CA HIS A 72 -21.17 2.26 26.45
C HIS A 72 -21.30 1.04 25.55
N LEU A 73 -21.26 -0.18 26.10
CA LEU A 73 -21.36 -1.38 25.28
C LEU A 73 -22.77 -1.54 24.71
N THR A 74 -22.85 -2.00 23.46
CA THR A 74 -24.12 -2.10 22.76
C THR A 74 -24.45 -3.49 22.24
N TRP A 75 -23.45 -4.28 21.85
CA TRP A 75 -23.68 -5.54 21.15
C TRP A 75 -22.69 -6.60 21.59
N LEU A 76 -23.15 -7.85 21.57
CA LEU A 76 -22.30 -9.03 21.72
C LEU A 76 -22.41 -9.88 20.46
N TRP A 77 -21.27 -10.06 19.78
CA TRP A 77 -21.18 -10.95 18.63
C TRP A 77 -20.50 -12.25 19.04
N ARG A 78 -21.06 -13.36 18.56
CA ARG A 78 -20.50 -14.68 18.76
C ARG A 78 -20.60 -15.46 17.46
N GLU A 79 -19.54 -16.18 17.11
CA GLU A 79 -19.50 -16.97 15.88
C GLU A 79 -20.01 -18.37 16.17
N GLU A 80 -21.22 -18.67 15.67
CA GLU A 80 -21.89 -19.96 15.77
C GLU A 80 -21.94 -20.47 17.20
N PRO A 81 -22.72 -19.82 18.08
CA PRO A 81 -22.79 -20.28 19.47
C PRO A 81 -23.75 -21.44 19.64
N ALA A 82 -23.37 -22.38 20.51
CA ALA A 82 -24.23 -23.51 20.79
C ALA A 82 -25.49 -23.11 21.54
N GLN A 83 -25.46 -21.98 22.25
CA GLN A 83 -26.58 -21.50 23.03
C GLN A 83 -26.80 -20.03 22.71
N GLY A 84 -27.93 -19.71 22.12
CA GLY A 84 -28.26 -18.35 21.76
C GLY A 84 -27.98 -18.05 20.30
N LYS A 85 -27.96 -16.76 20.00
CA LYS A 85 -27.87 -16.25 18.65
C LYS A 85 -26.52 -15.56 18.42
N PRO A 86 -26.12 -15.37 17.16
CA PRO A 86 -24.84 -14.68 16.90
C PRO A 86 -24.79 -13.25 17.39
N LEU A 87 -25.91 -12.52 17.32
CA LEU A 87 -25.97 -11.13 17.74
C LEU A 87 -26.95 -10.99 18.89
N THR A 88 -26.52 -10.26 19.94
CA THR A 88 -27.34 -10.01 21.11
C THR A 88 -27.11 -8.59 21.58
N ALA A 89 -28.19 -7.90 21.93
CA ALA A 89 -28.07 -6.59 22.57
C ALA A 89 -27.38 -6.73 23.91
N TYR A 90 -26.44 -5.81 24.18
CA TYR A 90 -25.62 -5.94 25.38
C TYR A 90 -26.47 -5.92 26.65
N ARG A 91 -27.48 -5.03 26.72
CA ARG A 91 -28.34 -4.93 27.88
C ARG A 91 -28.95 -6.28 28.28
N ASP A 92 -29.10 -7.20 27.32
CA ASP A 92 -29.81 -8.44 27.56
C ASP A 92 -28.90 -9.66 27.59
N THR A 93 -27.58 -9.48 27.60
CA THR A 93 -26.70 -10.63 27.60
C THR A 93 -26.68 -11.32 28.95
N GLN A 94 -26.42 -12.64 28.92
CA GLN A 94 -26.16 -13.38 30.13
C GLN A 94 -24.79 -12.98 30.69
N PRO A 95 -24.55 -13.23 31.98
CA PRO A 95 -23.18 -13.12 32.50
C PRO A 95 -22.22 -13.98 31.71
N LEU A 96 -21.01 -13.48 31.49
CA LEU A 96 -20.05 -14.20 30.67
C LEU A 96 -19.71 -15.57 31.26
N ARG A 97 -19.68 -15.68 32.59
CA ARG A 97 -19.37 -16.95 33.23
C ARG A 97 -20.41 -18.02 32.93
N GLU A 98 -21.65 -17.62 32.69
CA GLU A 98 -22.68 -18.62 32.48
C GLU A 98 -22.72 -19.08 31.04
N MSE A 99 -22.31 -18.23 30.09
CA MSE A 99 -22.17 -18.68 28.72
C MSE A 99 -21.00 -19.67 28.66
O MSE A 99 -21.12 -20.74 28.08
CB MSE A 99 -21.95 -17.50 27.78
CG MSE A 99 -23.17 -16.60 27.69
SE MSE A 99 -23.01 -15.22 26.34
CE MSE A 99 -21.89 -13.96 27.33
N MSE A 100 -19.90 -19.30 29.30
CA MSE A 100 -18.71 -20.15 29.33
C MSE A 100 -18.92 -21.44 30.12
O MSE A 100 -18.31 -22.47 29.82
CB MSE A 100 -17.53 -19.38 29.92
CG MSE A 100 -17.20 -18.12 29.15
SE MSE A 100 -15.36 -17.60 29.43
CE MSE A 100 -14.53 -19.11 28.60
N GLY A 101 -19.78 -21.39 31.15
CA GLY A 101 -20.14 -22.60 31.86
C GLY A 101 -20.81 -23.63 30.97
N ALA A 102 -21.51 -23.18 29.93
CA ALA A 102 -22.16 -24.06 28.97
C ALA A 102 -21.21 -24.65 27.95
N MSE A 103 -19.91 -24.37 28.05
CA MSE A 103 -18.96 -24.80 27.04
C MSE A 103 -17.93 -25.79 27.59
O MSE A 103 -17.71 -25.89 28.79
CB MSE A 103 -18.25 -23.59 26.44
CG MSE A 103 -18.95 -23.06 25.20
SE MSE A 103 -18.22 -21.37 24.60
CE MSE A 103 -19.23 -20.20 25.77
N ASP A 104 -17.31 -26.53 26.68
CA ASP A 104 -16.37 -27.58 27.02
C ASP A 104 -14.98 -27.24 26.50
N GLU A 105 -14.01 -28.08 26.89
CA GLU A 105 -12.63 -27.99 26.42
C GLU A 105 -12.53 -27.72 24.92
N ASP A 106 -13.31 -28.44 24.13
CA ASP A 106 -13.17 -28.41 22.67
C ASP A 106 -14.06 -27.38 22.00
N ASP A 107 -14.76 -26.54 22.76
CA ASP A 107 -15.49 -25.45 22.16
C ASP A 107 -14.56 -24.26 21.88
N HIS A 108 -14.84 -23.56 20.79
CA HIS A 108 -14.09 -22.36 20.43
C HIS A 108 -14.67 -21.16 21.18
N LEU A 109 -13.82 -20.46 21.94
CA LEU A 109 -14.26 -19.26 22.62
C LEU A 109 -14.38 -18.13 21.60
N SER A 110 -15.57 -17.53 21.50
CA SER A 110 -15.83 -16.45 20.55
C SER A 110 -16.78 -15.46 21.22
N PHE A 111 -16.23 -14.35 21.70
CA PHE A 111 -17.03 -13.29 22.30
C PHE A 111 -16.48 -11.95 21.86
N CYS A 112 -17.32 -11.13 21.23
CA CYS A 112 -16.90 -9.80 20.78
C CYS A 112 -17.93 -8.78 21.24
N TYR A 113 -17.62 -8.10 22.34
CA TYR A 113 -18.44 -7.00 22.84
C TYR A 113 -17.99 -5.71 22.16
N THR A 114 -18.95 -4.94 21.64
CA THR A 114 -18.64 -3.70 20.94
C THR A 114 -19.55 -2.58 21.45
N SER A 115 -19.20 -1.35 21.07
CA SER A 115 -19.98 -0.16 21.39
C SER A 115 -20.55 0.51 20.14
N GLY A 116 -20.49 -0.16 18.99
CA GLY A 116 -21.02 0.44 17.78
C GLY A 116 -22.52 0.69 17.89
N LYS A 117 -22.96 1.83 17.35
CA LYS A 117 -24.39 2.15 17.40
C LYS A 117 -25.20 1.14 16.60
N LYS A 118 -24.85 0.95 15.32
CA LYS A 118 -25.40 -0.15 14.56
C LYS A 118 -24.59 -1.43 14.81
N SER A 119 -25.25 -2.55 14.64
CA SER A 119 -24.64 -3.86 14.89
C SER A 119 -23.36 -4.06 14.08
N ARG A 120 -23.30 -3.56 12.86
CA ARG A 120 -22.08 -3.79 12.05
C ARG A 120 -21.10 -2.64 12.21
N ASP A 121 -21.41 -1.67 13.05
CA ASP A 121 -20.53 -0.51 13.23
C ASP A 121 -19.29 -0.87 14.07
N ALA A 122 -18.11 -0.53 13.58
CA ALA A 122 -16.94 -0.55 14.43
C ALA A 122 -17.16 0.35 15.64
N GLY A 123 -16.69 -0.09 16.79
CA GLY A 123 -16.86 0.67 18.01
C GLY A 123 -15.54 0.91 18.70
N ALA A 124 -15.47 2.01 19.45
CA ALA A 124 -14.23 2.38 20.13
C ALA A 124 -14.02 1.61 21.44
N TRP A 125 -15.09 1.11 22.04
CA TRP A 125 -15.00 0.17 23.16
C TRP A 125 -15.08 -1.25 22.60
N LEU A 126 -14.18 -2.12 23.05
CA LEU A 126 -14.10 -3.46 22.52
C LEU A 126 -13.60 -4.41 23.60
N PHE A 127 -14.20 -5.60 23.67
CA PHE A 127 -13.64 -6.71 24.43
C PHE A 127 -13.86 -7.97 23.61
N ASP A 128 -12.78 -8.56 23.10
CA ASP A 128 -12.87 -9.61 22.09
C ASP A 128 -12.01 -10.78 22.50
N ILE A 129 -12.65 -11.95 22.69
CA ILE A 129 -11.99 -13.19 23.07
C ILE A 129 -12.01 -14.13 21.88
N TYR A 130 -10.85 -14.70 21.55
CA TYR A 130 -10.70 -15.69 20.49
C TYR A 130 -9.88 -16.84 21.10
N GLY A 131 -10.57 -17.91 21.50
CA GLY A 131 -9.95 -18.98 22.25
C GLY A 131 -9.94 -20.29 21.47
N LYS A 132 -8.75 -20.86 21.36
CA LYS A 132 -8.55 -22.08 20.58
C LYS A 132 -9.12 -23.29 21.30
N ARG A 133 -9.60 -24.25 20.53
CA ARG A 133 -10.12 -25.49 21.07
C ARG A 133 -8.99 -26.36 21.62
N SER A 134 -9.34 -27.23 22.57
CA SER A 134 -8.36 -28.13 23.18
C SER A 134 -7.64 -28.97 22.12
N TRP A 135 -8.39 -29.54 21.16
CA TRP A 135 -7.74 -30.39 20.17
C TRP A 135 -6.92 -29.56 19.19
N GLN A 136 -7.28 -28.31 18.95
CA GLN A 136 -6.43 -27.44 18.16
C GLN A 136 -5.13 -27.14 18.89
N ALA A 137 -5.20 -26.91 20.21
CA ALA A 137 -4.00 -26.64 20.99
C ALA A 137 -3.06 -27.83 20.95
N LYS A 138 -3.60 -29.05 21.11
CA LYS A 138 -2.77 -30.25 21.10
C LYS A 138 -2.07 -30.46 19.77
N MSE A 139 -2.59 -29.87 18.70
CA MSE A 139 -1.99 -30.06 17.38
C MSE A 139 -1.00 -28.94 17.06
O MSE A 139 -0.47 -28.86 15.94
CB MSE A 139 -3.08 -30.13 16.32
CG MSE A 139 -2.74 -31.04 15.14
SE MSE A 139 -4.25 -31.28 13.92
CE MSE A 139 -5.12 -32.80 14.77
N GLY A 140 -0.74 -28.06 18.03
CA GLY A 140 0.23 -27.01 17.88
C GLY A 140 -0.35 -25.63 17.61
N HIS A 141 -1.66 -25.54 17.33
CA HIS A 141 -2.33 -24.25 17.15
C HIS A 141 -2.92 -23.84 18.50
N ASP A 142 -2.03 -23.40 19.39
CA ASP A 142 -2.33 -23.27 20.81
C ASP A 142 -2.46 -21.82 21.29
N LEU A 143 -2.37 -20.84 20.40
CA LEU A 143 -2.26 -19.44 20.78
C LEU A 143 -3.61 -18.74 20.61
N SER A 144 -4.18 -18.27 21.70
CA SER A 144 -5.42 -17.51 21.72
C SER A 144 -5.12 -16.02 21.87
N VAL A 145 -6.15 -15.20 21.67
CA VAL A 145 -6.01 -13.74 21.62
C VAL A 145 -7.11 -13.10 22.45
N LEU A 146 -6.72 -12.12 23.27
CA LEU A 146 -7.66 -11.19 23.89
C LEU A 146 -7.32 -9.79 23.39
N GLU A 147 -8.31 -9.11 22.83
CA GLU A 147 -8.17 -7.73 22.42
C GLU A 147 -9.22 -6.87 23.11
N PHE A 148 -8.83 -5.69 23.56
CA PHE A 148 -9.78 -4.80 24.19
C PHE A 148 -9.38 -3.37 23.88
N SER A 149 -10.34 -2.45 23.94
CA SER A 149 -10.01 -1.08 23.57
C SER A 149 -10.91 -0.10 24.30
N VAL A 150 -10.40 1.13 24.41
CA VAL A 150 -11.17 2.27 24.90
C VAL A 150 -11.01 3.41 23.91
N PRO A 151 -11.93 4.37 23.91
CA PRO A 151 -11.81 5.51 22.99
C PRO A 151 -10.64 6.41 23.37
N LEU A 152 -10.13 7.12 22.38
CA LEU A 152 -8.99 8.00 22.60
C LEU A 152 -9.34 9.12 23.59
N LEU A 153 -10.54 9.66 23.51
CA LEU A 153 -10.94 10.71 24.44
C LEU A 153 -11.09 10.19 25.86
N TYR A 154 -11.54 8.94 26.02
CA TYR A 154 -11.58 8.34 27.34
C TYR A 154 -10.17 8.22 27.92
N GLN A 155 -9.21 7.78 27.11
CA GLN A 155 -7.84 7.69 27.57
C GLN A 155 -7.30 9.05 27.99
N GLU A 156 -7.64 10.11 27.25
CA GLU A 156 -7.14 11.44 27.59
C GLU A 156 -7.65 11.89 28.95
N ARG A 157 -8.91 11.60 29.26
CA ARG A 157 -9.48 12.04 30.54
C ARG A 157 -9.26 11.05 31.69
N GLN A 158 -8.95 9.79 31.40
CA GLN A 158 -8.63 8.80 32.43
C GLN A 158 -7.36 8.06 32.02
N PRO A 159 -6.21 8.74 32.10
CA PRO A 159 -4.99 8.19 31.49
C PRO A 159 -4.41 6.96 32.16
N LEU A 160 -4.88 6.55 33.33
CA LEU A 160 -4.35 5.35 33.97
C LEU A 160 -5.26 4.14 33.83
N ASP A 161 -6.48 4.31 33.29
CA ASP A 161 -7.46 3.24 33.34
C ASP A 161 -7.13 2.10 32.38
N PHE A 162 -6.88 2.42 31.11
CA PHE A 162 -6.50 1.37 30.17
C PHE A 162 -5.21 0.70 30.59
N LEU A 163 -4.21 1.50 31.01
CA LEU A 163 -2.93 0.97 31.45
C LEU A 163 -3.12 -0.02 32.61
N GLN A 164 -3.98 0.32 33.57
CA GLN A 164 -4.26 -0.59 34.66
C GLN A 164 -4.86 -1.90 34.17
N LEU A 165 -5.81 -1.82 33.23
CA LEU A 165 -6.40 -3.03 32.65
C LEU A 165 -5.32 -3.89 32.01
N PHE A 166 -4.45 -3.28 31.20
CA PHE A 166 -3.49 -4.06 30.44
C PHE A 166 -2.56 -4.83 31.36
N ILE A 167 -2.05 -4.16 32.41
CA ILE A 167 -1.18 -4.83 33.37
C ILE A 167 -1.94 -5.90 34.14
N ASP A 168 -3.15 -5.56 34.62
CA ASP A 168 -3.95 -6.54 35.35
C ASP A 168 -4.26 -7.76 34.51
N PHE A 169 -4.61 -7.56 33.23
CA PHE A 169 -4.90 -8.68 32.36
C PHE A 169 -3.65 -9.51 32.11
N ALA A 170 -2.51 -8.85 31.92
CA ALA A 170 -1.24 -9.57 31.73
C ALA A 170 -0.93 -10.44 32.92
N ARG A 171 -1.16 -9.92 34.13
CA ARG A 171 -0.92 -10.69 35.34
C ARG A 171 -1.73 -11.99 35.33
N ARG A 172 -3.03 -11.90 35.02
CA ARG A 172 -3.90 -13.06 35.09
C ARG A 172 -3.61 -14.08 33.99
N LEU A 173 -3.33 -13.61 32.78
CA LEU A 173 -3.31 -14.49 31.61
C LEU A 173 -1.92 -15.02 31.29
N GLU A 174 -0.88 -14.44 31.87
CA GLU A 174 0.51 -14.79 31.62
C GLU A 174 0.77 -14.95 30.11
N PRO A 175 0.61 -13.88 29.33
CA PRO A 175 0.68 -14.01 27.88
C PRO A 175 2.10 -14.28 27.41
N GLU A 176 2.19 -14.74 26.16
CA GLU A 176 3.48 -14.92 25.50
C GLU A 176 4.05 -13.59 25.05
N GLN A 177 3.20 -12.71 24.51
CA GLN A 177 3.59 -11.46 23.88
C GLN A 177 2.34 -10.60 23.74
N GLY A 178 2.55 -9.31 23.52
CA GLY A 178 1.42 -8.42 23.37
C GLY A 178 1.88 -7.00 23.17
N TYR A 179 0.90 -6.13 22.92
CA TYR A 179 1.20 -4.72 22.67
C TYR A 179 -0.09 -3.93 22.82
N ALA A 180 0.06 -2.62 23.02
CA ALA A 180 -1.10 -1.76 23.10
C ALA A 180 -0.72 -0.38 22.58
N GLY A 181 -1.70 0.29 21.98
CA GLY A 181 -1.47 1.60 21.39
C GLY A 181 -2.59 1.91 20.41
N HIS A 182 -2.34 2.90 19.56
CA HIS A 182 -3.33 3.26 18.54
C HIS A 182 -3.56 2.11 17.56
N ALA A 183 -4.82 1.92 17.19
CA ALA A 183 -5.22 0.94 16.20
C ALA A 183 -6.61 1.29 15.70
N TYR A 184 -6.94 0.84 14.49
CA TYR A 184 -8.30 0.93 13.98
C TYR A 184 -9.07 -0.33 14.33
N ASN A 185 -10.15 -0.18 15.09
CA ASN A 185 -11.12 -1.26 15.23
C ASN A 185 -11.94 -1.32 13.96
N LEU A 186 -12.13 -2.52 13.42
CA LEU A 186 -12.87 -2.70 12.18
C LEU A 186 -14.27 -3.23 12.47
N SER A 187 -15.12 -3.19 11.44
CA SER A 187 -16.48 -3.70 11.57
C SER A 187 -16.46 -5.16 12.02
N PRO A 188 -17.28 -5.55 12.99
CA PRO A 188 -17.24 -6.93 13.48
C PRO A 188 -17.73 -7.98 12.47
N THR A 189 -18.44 -7.59 11.40
CA THR A 189 -18.85 -8.57 10.40
C THR A 189 -18.34 -8.30 9.00
N SER A 190 -18.13 -7.04 8.62
CA SER A 190 -17.49 -6.72 7.35
C SER A 190 -16.01 -6.43 7.62
N TRP A 191 -15.27 -7.51 7.92
CA TRP A 191 -13.82 -7.39 8.26
C TRP A 191 -12.95 -7.94 7.12
N ASP A 192 -13.35 -7.67 5.87
CA ASP A 192 -12.60 -8.14 4.68
C ASP A 192 -13.10 -7.37 3.45
N ASN A 193 -12.96 -6.04 3.46
CA ASN A 193 -13.44 -5.21 2.32
C ASN A 193 -12.56 -3.97 2.15
N ASP A 194 -11.78 -3.60 3.17
CA ASP A 194 -10.94 -2.42 3.04
C ASP A 194 -9.46 -2.75 3.09
N GLU A 195 -8.70 -2.22 2.13
CA GLU A 195 -7.26 -2.43 2.09
C GLU A 195 -6.62 -1.81 3.32
N PRO A 196 -5.76 -2.54 4.02
CA PRO A 196 -4.96 -1.94 5.10
C PRO A 196 -4.32 -0.61 4.77
N SER A 197 -3.64 -0.52 3.62
CA SER A 197 -2.75 0.60 3.27
C SER A 197 -1.52 0.60 4.16
N GLU A 198 -0.90 -0.58 4.31
CA GLU A 198 0.21 -0.74 5.25
C GLU A 198 1.35 0.24 4.96
N ALA A 199 1.68 0.45 3.69
CA ALA A 199 2.81 1.32 3.38
C ALA A 199 2.53 2.76 3.76
N PHE A 200 1.26 3.18 3.68
CA PHE A 200 0.93 4.54 4.12
C PHE A 200 1.02 4.66 5.63
N MSE A 201 0.50 3.67 6.35
CA MSE A 201 0.59 3.62 7.80
C MSE A 201 2.03 3.62 8.23
O MSE A 201 2.41 4.36 9.16
CB MSE A 201 -0.12 2.37 8.32
CG MSE A 201 -1.51 2.23 7.76
SE MSE A 201 -2.60 3.67 8.45
CE MSE A 201 -3.50 2.60 9.80
N ALA A 202 2.86 2.83 7.56
CA ALA A 202 4.28 2.77 7.92
C ALA A 202 4.96 4.13 7.74
N ALA A 203 4.54 4.90 6.73
CA ALA A 203 5.21 6.15 6.41
C ALA A 203 4.69 7.30 7.26
N ARG A 204 3.37 7.37 7.46
CA ARG A 204 2.71 8.53 8.02
C ARG A 204 2.10 8.30 9.39
N MSE A 205 1.77 7.06 9.75
CA MSE A 205 1.21 6.78 11.07
C MSE A 205 1.92 5.57 11.70
O MSE A 205 1.26 4.57 12.02
CB MSE A 205 -0.30 6.51 10.98
CG MSE A 205 -1.09 7.61 10.29
SE MSE A 205 -2.97 7.14 9.93
CE MSE A 205 -3.71 7.47 11.71
N PRO A 206 3.24 5.65 11.88
CA PRO A 206 3.99 4.43 12.24
C PRO A 206 3.76 3.97 13.66
N GLY A 207 3.13 4.79 14.50
CA GLY A 207 2.72 4.34 15.82
C GLY A 207 1.49 3.48 15.84
N LEU A 208 0.81 3.29 14.72
CA LEU A 208 -0.40 2.49 14.70
C LEU A 208 -0.09 1.01 14.52
N ASP A 209 -0.82 0.18 15.26
CA ASP A 209 -0.82 -1.24 14.97
C ASP A 209 -1.69 -1.51 13.77
N VAL A 210 -1.35 -2.56 13.05
CA VAL A 210 -1.93 -2.88 11.76
C VAL A 210 -2.04 -4.40 11.71
N GLY A 211 -3.25 -4.93 11.55
CA GLY A 211 -3.46 -6.36 11.47
C GLY A 211 -4.59 -6.83 12.36
N THR A 212 -4.97 -8.10 12.13
CA THR A 212 -6.00 -8.78 12.90
C THR A 212 -5.34 -9.94 13.65
N ALA A 213 -5.21 -9.79 14.97
CA ALA A 213 -4.38 -10.69 15.76
C ALA A 213 -4.87 -12.13 15.73
N CYS A 214 -6.18 -12.34 15.75
CA CYS A 214 -6.70 -13.70 15.81
C CYS A 214 -6.38 -14.48 14.54
N LEU A 215 -6.18 -13.77 13.42
CA LEU A 215 -5.74 -14.44 12.20
C LEU A 215 -4.23 -14.62 12.14
N LEU A 216 -3.48 -13.82 12.91
CA LEU A 216 -2.02 -13.95 12.92
C LEU A 216 -1.54 -15.02 13.91
N ALA A 217 -2.34 -15.27 14.95
CA ALA A 217 -1.83 -15.96 16.15
C ALA A 217 -1.24 -17.33 15.83
N ASN A 218 -1.89 -18.10 14.96
CA ASN A 218 -1.45 -19.47 14.73
C ASN A 218 -0.97 -19.70 13.30
N THR A 219 -0.57 -18.64 12.61
CA THR A 219 0.12 -18.80 11.34
C THR A 219 1.52 -19.38 11.58
N PRO A 220 2.10 -19.99 10.55
CA PRO A 220 3.49 -20.47 10.70
C PRO A 220 4.48 -19.36 10.98
N GLU A 221 4.18 -18.13 10.53
CA GLU A 221 5.06 -17.00 10.77
C GLU A 221 5.16 -16.65 12.26
N PHE A 222 4.17 -17.00 13.07
CA PHE A 222 4.18 -16.64 14.48
C PHE A 222 4.87 -17.64 15.38
N LYS A 223 5.25 -18.79 14.86
CA LYS A 223 5.81 -19.80 15.74
C LYS A 223 7.17 -19.44 16.37
N PRO A 224 8.07 -18.68 15.73
CA PRO A 224 9.31 -18.30 16.42
C PRO A 224 9.04 -17.52 17.71
N THR A 225 10.04 -17.57 18.62
CA THR A 225 9.95 -16.85 19.89
C THR A 225 10.36 -15.39 19.65
N ARG A 226 9.44 -14.65 19.02
CA ARG A 226 9.69 -13.29 18.57
C ARG A 226 8.45 -12.45 18.84
N ILE A 227 8.52 -11.16 18.48
CA ILE A 227 7.40 -10.24 18.64
C ILE A 227 7.10 -9.56 17.31
N LYS A 228 5.84 -9.13 17.16
CA LYS A 228 5.42 -8.46 15.94
C LYS A 228 5.81 -6.99 15.94
N THR A 229 5.63 -6.30 17.07
CA THR A 229 5.85 -4.86 17.07
C THR A 229 6.02 -4.39 18.50
N VAL A 230 6.65 -3.23 18.64
CA VAL A 230 6.54 -2.43 19.84
C VAL A 230 5.41 -1.44 19.61
N SER A 231 4.85 -0.92 20.69
CA SER A 231 3.93 0.21 20.61
C SER A 231 4.01 0.95 21.94
N TRP A 232 2.95 1.67 22.29
CA TRP A 232 2.94 2.38 23.57
C TRP A 232 3.23 1.43 24.72
N LEU A 233 2.54 0.29 24.74
CA LEU A 233 2.83 -0.79 25.67
C LEU A 233 3.33 -1.99 24.88
N THR A 234 4.37 -2.64 25.40
CA THR A 234 4.95 -3.81 24.76
C THR A 234 5.14 -4.87 25.82
N LEU A 235 4.59 -6.07 25.58
CA LEU A 235 4.62 -7.15 26.55
C LEU A 235 5.58 -8.23 26.06
N LEU A 236 6.54 -8.61 26.92
CA LEU A 236 7.50 -9.67 26.66
C LEU A 236 7.41 -10.70 27.77
N ASN A 237 7.20 -11.97 27.42
CA ASN A 237 7.38 -12.99 28.44
C ASN A 237 8.87 -13.15 28.76
N ASN A 238 9.15 -13.90 29.82
CA ASN A 238 10.54 -13.99 30.29
C ASN A 238 11.46 -14.57 29.23
N GLU A 239 10.96 -15.50 28.41
CA GLU A 239 11.82 -16.06 27.36
C GLU A 239 12.23 -14.99 26.35
N ARG A 240 11.28 -14.15 25.94
CA ARG A 240 11.61 -13.06 25.02
C ARG A 240 12.49 -12.02 25.68
N LEU A 241 12.22 -11.71 26.95
CA LEU A 241 13.06 -10.77 27.69
C LEU A 241 14.51 -11.22 27.70
N ALA A 242 14.75 -12.51 27.94
CA ALA A 242 16.12 -13.03 27.96
C ALA A 242 16.76 -12.94 26.57
N LEU A 243 16.00 -13.21 25.53
CA LEU A 243 16.54 -13.14 24.17
C LEU A 243 16.87 -11.69 23.77
N ALA A 244 16.22 -10.72 24.40
CA ALA A 244 16.51 -9.32 24.14
C ALA A 244 17.64 -8.78 25.00
N GLY A 245 18.30 -9.65 25.78
CA GLY A 245 19.42 -9.25 26.59
C GLY A 245 19.12 -9.08 28.06
N GLY A 246 17.87 -9.27 28.48
CA GLY A 246 17.52 -9.18 29.87
C GLY A 246 17.01 -7.80 30.26
N LEU A 247 16.30 -7.77 31.40
CA LEU A 247 15.66 -6.54 31.85
C LEU A 247 16.67 -5.51 32.32
N ASP A 248 17.73 -5.94 33.03
CA ASP A 248 18.73 -5.00 33.53
C ASP A 248 19.26 -4.13 32.39
N ALA A 249 19.65 -4.76 31.28
CA ALA A 249 20.24 -4.01 30.19
C ALA A 249 19.23 -3.11 29.51
N LEU A 250 17.97 -3.55 29.41
CA LEU A 250 16.94 -2.69 28.83
C LEU A 250 16.73 -1.45 29.67
N ARG A 251 16.65 -1.61 31.00
CA ARG A 251 16.46 -0.46 31.88
C ARG A 251 17.66 0.47 31.84
N ALA A 252 18.86 -0.06 31.63
CA ALA A 252 20.04 0.79 31.55
C ALA A 252 20.09 1.58 30.25
N GLN A 253 19.53 1.03 29.17
CA GLN A 253 19.58 1.63 27.84
C GLN A 253 18.45 2.61 27.57
N LEU A 254 17.32 2.47 28.25
CA LEU A 254 16.13 3.27 27.98
C LEU A 254 15.91 4.25 29.11
N PRO A 255 15.92 5.56 28.85
CA PRO A 255 15.86 6.55 29.93
C PRO A 255 14.61 6.36 30.79
N SER A 256 14.83 6.24 32.10
CA SER A 256 13.70 6.07 33.02
C SER A 256 12.80 7.29 33.05
N SER A 257 13.24 8.41 32.50
CA SER A 257 12.38 9.59 32.35
C SER A 257 11.23 9.33 31.39
N HIS A 258 11.39 8.40 30.46
CA HIS A 258 10.40 8.21 29.41
C HIS A 258 9.95 6.77 29.22
N PHE A 259 10.56 5.82 29.91
CA PHE A 259 10.19 4.41 29.81
C PHE A 259 9.92 3.87 31.20
N ALA A 260 8.78 3.21 31.35
CA ALA A 260 8.43 2.56 32.60
C ALA A 260 8.33 1.07 32.36
N PHE A 261 8.54 0.31 33.43
CA PHE A 261 8.56 -1.14 33.35
C PHE A 261 7.64 -1.70 34.42
N TYR A 262 6.79 -2.64 34.02
CA TYR A 262 5.83 -3.28 34.93
C TYR A 262 6.06 -4.79 34.90
N ARG A 263 6.44 -5.35 36.04
CA ARG A 263 6.76 -6.77 36.11
C ARG A 263 5.53 -7.58 36.52
N TYR A 264 5.41 -8.77 35.94
CA TYR A 264 4.47 -9.74 36.49
C TYR A 264 5.19 -11.08 36.59
N GLY A 265 4.47 -12.14 36.95
CA GLY A 265 5.12 -13.38 37.32
C GLY A 265 5.89 -14.06 36.20
N ASP A 266 5.63 -13.66 34.95
CA ASP A 266 6.18 -14.38 33.80
C ASP A 266 6.79 -13.45 32.75
N GLY A 267 6.91 -12.15 33.03
CA GLY A 267 7.43 -11.25 32.03
C GLY A 267 7.33 -9.81 32.46
N VAL A 268 7.37 -8.91 31.48
CA VAL A 268 7.37 -7.48 31.74
C VAL A 268 6.55 -6.78 30.68
N VAL A 269 5.96 -5.65 31.07
CA VAL A 269 5.35 -4.72 30.13
C VAL A 269 6.16 -3.44 30.15
N ILE A 270 6.53 -2.96 28.97
CA ILE A 270 7.29 -1.72 28.83
C ILE A 270 6.35 -0.64 28.36
N GLN A 271 6.38 0.51 29.01
CA GLN A 271 5.62 1.67 28.60
C GLN A 271 6.58 2.66 27.93
N ALA A 272 6.34 2.97 26.67
CA ALA A 272 7.22 3.82 25.86
C ALA A 272 6.56 5.20 25.70
N GLY A 273 6.88 6.11 26.61
CA GLY A 273 6.38 7.47 26.54
C GLY A 273 5.17 7.73 27.43
N ALA A 274 4.86 9.02 27.56
CA ALA A 274 3.86 9.50 28.50
C ALA A 274 2.42 9.20 28.06
N TYR A 275 2.24 8.89 26.79
CA TYR A 275 0.96 8.57 26.18
C TYR A 275 1.22 7.83 24.87
N PRO A 276 0.22 7.19 24.29
CA PRO A 276 0.43 6.56 22.98
C PRO A 276 0.65 7.60 21.88
N TYR A 277 1.47 7.23 20.91
CA TYR A 277 1.85 8.10 19.80
C TYR A 277 1.35 7.54 18.48
N ILE A 278 0.65 8.38 17.71
CA ILE A 278 0.31 8.04 16.32
C ILE A 278 1.51 8.21 15.41
N ALA A 279 2.20 9.34 15.57
CA ALA A 279 3.33 9.70 14.73
C ALA A 279 4.24 10.61 15.54
N GLY A 280 5.28 11.10 14.89
CA GLY A 280 6.26 11.94 15.56
C GLY A 280 5.98 13.41 15.38
N ASP A 281 6.81 14.09 14.59
CA ASP A 281 6.70 15.54 14.44
C ASP A 281 6.82 15.88 12.96
N ALA A 282 7.03 17.17 12.69
CA ALA A 282 7.13 17.63 11.30
C ALA A 282 8.36 17.06 10.61
N GLU A 283 9.46 16.85 11.35
CA GLU A 283 10.69 16.38 10.72
C GLU A 283 10.66 14.89 10.44
N ASP A 284 9.98 14.10 11.28
CA ASP A 284 10.02 12.65 11.14
C ASP A 284 8.77 12.06 11.77
N SER A 285 8.08 11.20 11.02
CA SER A 285 6.84 10.63 11.50
C SER A 285 7.04 9.58 12.59
N ARG A 286 8.24 9.05 12.77
CA ARG A 286 8.42 8.00 13.77
C ARG A 286 8.43 8.58 15.19
N PRO A 287 7.62 8.07 16.10
CA PRO A 287 7.62 8.61 17.48
C PRO A 287 8.92 8.25 18.19
N ALA A 288 9.55 9.26 18.81
CA ALA A 288 10.86 9.07 19.44
C ALA A 288 10.85 7.95 20.47
N PRO A 289 9.89 7.85 21.40
CA PRO A 289 9.94 6.73 22.35
C PRO A 289 9.87 5.38 21.66
N TYR A 290 9.05 5.27 20.60
CA TYR A 290 8.95 3.97 19.95
C TYR A 290 10.22 3.65 19.17
N VAL A 291 10.86 4.67 18.61
CA VAL A 291 12.13 4.45 17.89
C VAL A 291 13.16 3.81 18.81
N LEU A 292 13.27 4.33 20.04
CA LEU A 292 14.29 3.82 20.95
C LEU A 292 13.98 2.39 21.39
N LEU A 293 12.71 2.11 21.69
CA LEU A 293 12.36 0.76 22.12
C LEU A 293 12.45 -0.22 20.95
N ASN A 294 12.01 0.19 19.76
CA ASN A 294 12.14 -0.68 18.59
C ASN A 294 13.60 -1.06 18.36
N HIS A 295 14.51 -0.08 18.48
CA HIS A 295 15.93 -0.36 18.31
C HIS A 295 16.42 -1.38 19.34
N ALA A 296 15.95 -1.25 20.59
CA ALA A 296 16.37 -2.16 21.64
C ALA A 296 15.84 -3.57 21.42
N LEU A 297 14.69 -3.71 20.76
CA LEU A 297 14.02 -5.01 20.66
C LEU A 297 14.03 -5.58 19.24
N LYS A 298 14.60 -4.89 18.26
CA LYS A 298 14.45 -5.39 16.89
C LYS A 298 15.15 -6.73 16.69
N GLY A 299 16.08 -7.11 17.57
CA GLY A 299 16.70 -8.42 17.49
C GLY A 299 15.76 -9.57 17.78
N ILE A 300 14.60 -9.31 18.40
CA ILE A 300 13.62 -10.36 18.68
C ILE A 300 12.33 -10.14 17.88
N ARG A 301 12.39 -9.36 16.81
CA ARG A 301 11.21 -9.11 15.98
C ARG A 301 11.04 -10.18 14.91
N TYR A 302 9.80 -10.54 14.63
CA TYR A 302 9.52 -11.43 13.51
C TYR A 302 10.09 -10.84 12.22
N GLU A 303 10.72 -11.69 11.41
CA GLU A 303 11.24 -11.22 10.13
C GLU A 303 10.15 -11.16 9.06
N THR A 304 9.15 -12.03 9.15
CA THR A 304 8.01 -12.00 8.25
C THR A 304 6.76 -12.29 9.06
N ILE A 305 5.62 -11.93 8.47
CA ILE A 305 4.35 -12.02 9.18
C ILE A 305 3.28 -12.53 8.22
N GLY A 306 3.60 -12.56 6.93
CA GLY A 306 2.57 -12.77 5.93
C GLY A 306 1.78 -11.47 5.79
N SER A 307 0.67 -11.54 5.06
CA SER A 307 -0.20 -10.36 5.02
C SER A 307 -0.97 -10.26 6.33
N LEU A 308 -1.66 -9.13 6.50
CA LEU A 308 -1.95 -8.65 7.84
C LEU A 308 -3.43 -8.61 8.21
N HIS A 309 -4.31 -8.05 7.38
CA HIS A 309 -5.66 -7.73 7.85
C HIS A 309 -6.75 -8.70 7.38
N GLU A 316 -5.09 -11.25 -4.57
CA GLU A 316 -3.99 -10.32 -4.35
C GLU A 316 -2.64 -11.01 -4.58
N LEU A 317 -1.76 -10.34 -5.32
CA LEU A 317 -0.44 -10.90 -5.59
C LEU A 317 0.45 -10.77 -4.34
N ARG A 318 1.62 -11.40 -4.41
CA ARG A 318 2.59 -11.40 -3.32
C ARG A 318 3.10 -10.01 -2.95
N LEU A 319 2.82 -8.98 -3.75
CA LEU A 319 3.32 -7.65 -3.40
C LEU A 319 2.64 -7.11 -2.16
N VAL A 320 1.42 -7.53 -1.85
CA VAL A 320 0.76 -7.06 -0.64
C VAL A 320 1.42 -7.69 0.59
N GLY A 321 1.82 -8.96 0.50
CA GLY A 321 2.52 -9.58 1.61
C GLY A 321 3.92 -9.02 1.80
N TRP A 322 4.61 -8.74 0.69
CA TRP A 322 5.90 -8.05 0.76
C TRP A 322 5.77 -6.71 1.45
N ALA A 323 4.68 -5.98 1.19
CA ALA A 323 4.47 -4.71 1.87
C ALA A 323 4.28 -4.90 3.37
N ALA A 324 3.64 -6.00 3.76
CA ALA A 324 3.45 -6.27 5.19
C ALA A 324 4.79 -6.53 5.88
N ASP A 325 5.68 -7.29 5.25
CA ASP A 325 7.01 -7.49 5.81
C ASP A 325 7.73 -6.16 5.96
N GLN A 326 7.57 -5.25 4.99
CA GLN A 326 8.18 -3.93 5.09
C GLN A 326 7.63 -3.15 6.27
N TRP A 327 6.32 -3.29 6.54
CA TRP A 327 5.70 -2.54 7.62
C TRP A 327 6.34 -2.88 8.97
N LEU A 328 6.79 -4.12 9.12
CA LEU A 328 7.42 -4.54 10.38
C LEU A 328 8.64 -3.70 10.71
N LYS A 329 9.32 -3.13 9.71
CA LYS A 329 10.56 -2.38 9.91
C LYS A 329 10.34 -0.87 10.00
N ARG A 330 9.09 -0.41 10.09
CA ARG A 330 8.79 1.01 9.91
C ARG A 330 9.43 1.91 10.96
N LEU A 331 9.76 1.38 12.14
CA LEU A 331 10.38 2.20 13.17
C LEU A 331 11.90 2.14 13.16
N ASP A 332 12.50 1.32 12.30
CA ASP A 332 13.95 1.19 12.27
C ASP A 332 14.60 2.49 11.83
N VAL A 333 15.73 2.81 12.47
CA VAL A 333 16.57 3.92 12.07
C VAL A 333 18.00 3.39 11.97
N GLU A 334 18.86 4.16 11.32
CA GLU A 334 20.26 3.79 11.30
C GLU A 334 20.86 3.95 12.69
N ASP A 335 21.72 3.01 13.06
CA ASP A 335 22.25 2.95 14.41
C ASP A 335 22.95 4.25 14.80
N SER A 336 23.65 4.89 13.85
CA SER A 336 24.35 6.13 14.15
C SER A 336 23.42 7.26 14.59
N GLU A 337 22.11 7.14 14.33
CA GLU A 337 21.16 8.19 14.65
C GLU A 337 20.55 8.05 16.04
N ILE A 338 20.75 6.90 16.70
CA ILE A 338 20.11 6.68 18.00
C ILE A 338 20.47 7.76 19.02
N PRO A 339 21.73 8.20 19.16
CA PRO A 339 22.00 9.28 20.14
C PRO A 339 21.21 10.55 19.88
N ARG A 340 21.04 10.94 18.61
CA ARG A 340 20.23 12.11 18.29
C ARG A 340 18.77 11.90 18.67
N TRP A 341 18.25 10.69 18.45
CA TRP A 341 16.88 10.39 18.85
C TRP A 341 16.71 10.49 20.36
N CYS A 342 17.71 10.03 21.12
CA CYS A 342 17.62 10.14 22.56
CA CYS A 342 17.68 10.15 22.57
C CYS A 342 17.65 11.60 23.00
N ASP A 343 18.49 12.44 22.39
CA ASP A 343 18.50 13.86 22.72
C ASP A 343 17.16 14.50 22.42
N LYS A 344 16.55 14.12 21.28
CA LYS A 344 15.25 14.67 20.95
C LYS A 344 14.20 14.25 21.98
N LEU A 345 14.22 12.99 22.37
CA LEU A 345 13.33 12.51 23.43
C LEU A 345 13.46 13.34 24.70
N LEU A 346 14.69 13.53 25.18
CA LEU A 346 14.90 14.21 26.46
C LEU A 346 14.55 15.69 26.39
N SER A 347 14.67 16.32 25.22
CA SER A 347 14.45 17.76 25.13
C SER A 347 13.05 18.13 24.69
N ALA A 348 12.31 17.23 24.04
CA ALA A 348 11.04 17.56 23.43
C ALA A 348 9.85 16.76 23.93
N GLU A 349 10.06 15.61 24.58
CA GLU A 349 8.89 14.79 24.86
C GLU A 349 8.51 14.82 26.34
N PRO A 350 7.22 14.78 26.64
CA PRO A 350 6.79 14.79 28.04
C PRO A 350 7.33 13.58 28.79
N TYR A 351 7.66 13.77 30.06
CA TYR A 351 8.26 12.72 30.85
C TYR A 351 7.22 11.99 31.69
N LEU A 352 7.65 10.90 32.30
CA LEU A 352 6.77 10.03 33.07
C LEU A 352 6.71 10.50 34.52
N ASP A 353 5.50 10.56 35.08
CA ASP A 353 5.34 10.87 36.49
C ASP A 353 4.11 10.13 37.02
N ALA A 354 3.67 10.51 38.22
CA ALA A 354 2.54 9.83 38.84
C ALA A 354 1.23 10.08 38.13
N THR A 355 1.19 11.00 37.16
CA THR A 355 -0.04 11.26 36.43
C THR A 355 -0.23 10.33 35.24
N ASN A 356 0.83 9.67 34.78
CA ASN A 356 0.73 8.89 33.55
C ASN A 356 1.40 7.52 33.65
N THR A 357 1.76 7.08 34.86
CA THR A 357 2.28 5.73 35.09
C THR A 357 1.56 5.13 36.29
N LEU A 358 1.60 3.80 36.40
CA LEU A 358 1.08 3.13 37.59
C LEU A 358 2.11 3.19 38.71
N PRO A 359 1.67 3.32 39.96
CA PRO A 359 2.63 3.37 41.08
C PRO A 359 3.49 2.11 41.20
N GLU A 360 3.03 0.97 40.68
CA GLU A 360 3.79 -0.27 40.75
C GLU A 360 4.98 -0.33 39.78
N ARG A 361 5.20 0.72 38.97
CA ARG A 361 6.33 0.73 38.05
C ARG A 361 7.63 0.41 38.78
N LEU A 362 8.52 -0.30 38.11
CA LEU A 362 9.82 -0.63 38.69
C LEU A 362 10.66 0.62 38.94
N GLU B 2 -3.38 15.62 12.24
CA GLU B 2 -4.67 16.13 11.78
C GLU B 2 -4.83 15.93 10.28
N GLN B 3 -3.72 15.62 9.62
CA GLN B 3 -3.66 15.52 8.17
C GLN B 3 -3.58 14.10 7.60
N PRO B 4 -3.02 13.11 8.31
CA PRO B 4 -2.99 11.75 7.74
C PRO B 4 -4.34 11.04 7.72
N PHE B 5 -5.33 11.52 8.47
CA PHE B 5 -6.54 10.72 8.69
C PHE B 5 -7.42 10.67 7.44
N ASP B 6 -7.65 11.82 6.81
CA ASP B 6 -8.48 11.83 5.61
C ASP B 6 -7.87 10.99 4.51
N LEU B 7 -6.54 10.94 4.43
CA LEU B 7 -5.89 10.08 3.45
C LEU B 7 -6.05 8.61 3.81
N ALA B 8 -5.94 8.28 5.11
CA ALA B 8 -6.16 6.91 5.53
C ALA B 8 -7.58 6.46 5.19
N ALA B 9 -8.55 7.36 5.32
CA ALA B 9 -9.93 7.02 4.97
C ALA B 9 -10.08 6.83 3.46
N GLU B 10 -9.45 7.70 2.67
CA GLU B 10 -9.55 7.57 1.22
C GLU B 10 -8.89 6.29 0.73
N LEU B 11 -7.72 5.95 1.29
CA LEU B 11 -7.01 4.76 0.86
C LEU B 11 -7.74 3.48 1.23
N ALA B 12 -8.48 3.48 2.35
CA ALA B 12 -9.18 2.28 2.77
C ALA B 12 -10.30 1.88 1.82
N LYS B 13 -10.84 2.82 1.04
CA LYS B 13 -12.06 2.57 0.30
C LYS B 13 -11.92 2.55 -1.22
N GLN B 14 -10.83 3.07 -1.77
CA GLN B 14 -10.62 2.92 -3.19
C GLN B 14 -9.13 2.70 -3.46
N PRO B 15 -8.79 1.95 -4.50
CA PRO B 15 -7.39 1.57 -4.71
C PRO B 15 -6.46 2.74 -5.03
N HIS B 16 -6.96 3.74 -5.73
CA HIS B 16 -6.13 4.75 -6.38
C HIS B 16 -6.20 6.10 -5.69
N LEU B 17 -5.16 6.89 -5.88
CA LEU B 17 -5.13 8.32 -5.60
C LEU B 17 -4.91 9.06 -6.91
N LEU B 18 -5.73 10.07 -7.19
CA LEU B 18 -5.59 10.81 -8.44
C LEU B 18 -4.37 11.72 -8.42
N GLU B 19 -4.14 12.42 -7.32
CA GLU B 19 -3.01 13.32 -7.17
C GLU B 19 -2.33 12.98 -5.86
N ILE B 20 -0.99 12.98 -5.84
CA ILE B 20 -0.26 12.60 -4.63
C ILE B 20 0.77 13.68 -4.31
N ALA B 21 0.75 14.14 -3.07
CA ALA B 21 1.70 15.16 -2.65
C ALA B 21 3.13 14.63 -2.73
N GLY B 22 4.06 15.54 -3.04
CA GLY B 22 5.45 15.14 -3.16
C GLY B 22 5.97 14.62 -1.84
N ASN B 23 6.78 13.56 -1.92
CA ASN B 23 7.46 12.98 -0.77
C ASN B 23 6.49 12.39 0.25
N LEU B 24 5.27 12.01 -0.17
CA LEU B 24 4.24 11.62 0.79
C LEU B 24 4.59 10.34 1.53
N LEU B 25 5.12 9.34 0.83
CA LEU B 25 5.37 8.03 1.43
C LEU B 25 6.74 7.95 2.06
N MSE B 26 7.15 9.07 2.66
CA MSE B 26 8.45 9.20 3.30
C MSE B 26 8.27 9.47 4.79
O MSE B 26 7.20 9.87 5.21
CB MSE B 26 9.23 10.32 2.64
CG MSE B 26 10.17 9.78 1.61
SE MSE B 26 10.83 8.18 2.44
CE MSE B 26 12.70 8.67 2.53
N LYS B 27 9.33 9.24 5.57
CA LYS B 27 9.25 9.56 7.00
C LYS B 27 9.26 11.06 7.24
N SER B 28 9.91 11.84 6.35
CA SER B 28 9.92 13.28 6.55
C SER B 28 8.62 13.92 6.11
N GLY B 29 7.88 13.31 5.18
CA GLY B 29 6.52 13.68 4.92
C GLY B 29 6.34 14.59 3.73
N PRO B 30 5.08 14.93 3.47
CA PRO B 30 4.73 15.63 2.22
C PRO B 30 5.40 17.00 2.12
N GLU B 31 5.74 17.36 0.90
CA GLU B 31 6.33 18.66 0.59
C GLU B 31 5.41 19.39 -0.39
N ASP B 32 5.75 20.66 -0.63
CA ASP B 32 4.84 21.60 -1.30
C ASP B 32 4.96 21.51 -2.82
N TYR B 33 4.75 20.30 -3.36
CA TYR B 33 4.69 20.11 -4.80
C TYR B 33 3.89 18.85 -5.07
N ILE B 34 3.48 18.68 -6.32
CA ILE B 34 2.73 17.50 -6.73
C ILE B 34 3.73 16.43 -7.16
N GLY B 35 3.82 15.34 -6.38
CA GLY B 35 4.80 14.31 -6.68
C GLY B 35 4.37 13.31 -7.73
N ALA B 36 3.06 13.08 -7.83
CA ALA B 36 2.56 12.06 -8.78
C ALA B 36 1.15 12.41 -9.23
N VAL B 37 0.83 12.14 -10.48
CA VAL B 37 -0.56 12.36 -10.95
C VAL B 37 -0.97 11.18 -11.81
N LEU B 38 -2.12 10.62 -11.50
CA LEU B 38 -2.66 9.47 -12.26
C LEU B 38 -3.19 9.97 -13.60
N CYS B 39 -2.73 9.35 -14.66
CA CYS B 39 -3.15 9.77 -15.99
C CYS B 39 -3.20 8.57 -16.91
N LEU B 40 -3.56 8.83 -18.17
CA LEU B 40 -3.55 7.81 -19.22
C LEU B 40 -2.29 8.01 -20.04
N ARG B 41 -1.35 7.08 -19.92
CA ARG B 41 -0.02 7.23 -20.52
C ARG B 41 0.24 6.11 -21.51
N GLY B 42 0.87 6.47 -22.63
CA GLY B 42 1.33 5.51 -23.61
C GLY B 42 2.84 5.54 -23.71
N THR B 43 3.43 4.37 -23.90
CA THR B 43 4.88 4.18 -23.96
C THR B 43 5.22 3.37 -25.20
N LEU B 44 6.10 3.91 -26.05
CA LEU B 44 6.49 3.25 -27.29
C LEU B 44 8.01 3.16 -27.34
N TYR B 45 8.52 1.94 -27.48
CA TYR B 45 9.95 1.70 -27.66
C TYR B 45 10.23 1.51 -29.14
N PHE B 46 11.12 2.33 -29.71
CA PHE B 46 11.30 2.34 -31.17
C PHE B 46 12.77 2.57 -31.49
N LYS B 47 13.12 2.32 -32.76
CA LYS B 47 14.52 2.46 -33.18
C LYS B 47 14.66 3.54 -34.23
N LYS B 48 15.93 3.84 -34.54
CA LYS B 48 16.36 4.78 -35.58
C LYS B 48 15.98 6.23 -35.25
N ALA B 49 15.91 6.57 -33.97
CA ALA B 49 15.62 7.93 -33.57
C ALA B 49 16.69 8.92 -34.04
N HIS B 50 17.88 8.44 -34.37
CA HIS B 50 18.95 9.29 -34.87
C HIS B 50 18.79 9.67 -36.34
N THR B 51 17.76 9.14 -37.05
CA THR B 51 17.66 9.40 -38.47
C THR B 51 16.66 10.53 -38.75
N PRO B 52 16.85 11.26 -39.86
CA PRO B 52 15.95 12.39 -40.14
C PRO B 52 14.50 12.00 -40.35
N LEU B 53 14.21 10.88 -41.02
CA LEU B 53 12.83 10.51 -41.28
C LEU B 53 12.09 10.20 -39.99
N VAL B 54 12.75 9.53 -39.03
CA VAL B 54 12.11 9.22 -37.76
C VAL B 54 11.92 10.48 -36.95
N ARG B 55 12.91 11.38 -36.99
CA ARG B 55 12.76 12.66 -36.29
C ARG B 55 11.59 13.47 -36.85
N GLU B 56 11.44 13.49 -38.19
CA GLU B 56 10.28 14.17 -38.76
C GLU B 56 8.98 13.55 -38.30
N SER B 57 8.94 12.21 -38.22
CA SER B 57 7.73 11.54 -37.76
C SER B 57 7.44 11.86 -36.29
N LEU B 58 8.50 11.95 -35.47
CA LEU B 58 8.30 12.38 -34.09
C LEU B 58 7.72 13.78 -34.01
N CYS B 59 8.15 14.66 -34.93
CA CYS B 59 7.59 16.00 -34.95
C CYS B 59 6.14 16.00 -35.39
N GLN B 60 5.76 15.09 -36.29
CA GLN B 60 4.35 14.96 -36.67
C GLN B 60 3.55 14.41 -35.50
N CYS B 61 4.12 13.47 -34.73
CA CYS B 61 3.47 13.03 -33.50
C CYS B 61 3.22 14.20 -32.56
N PHE B 62 4.22 15.06 -32.37
CA PHE B 62 4.04 16.18 -31.47
C PHE B 62 2.99 17.17 -32.00
N ASP B 63 2.96 17.40 -33.32
CA ASP B 63 1.92 18.27 -33.86
C ASP B 63 0.52 17.76 -33.51
N GLU B 64 0.31 16.45 -33.67
CA GLU B 64 -0.96 15.82 -33.32
C GLU B 64 -1.28 15.98 -31.85
N PHE B 65 -0.29 15.75 -30.98
CA PHE B 65 -0.49 15.85 -29.55
C PHE B 65 -0.73 17.30 -29.14
N GLU B 66 0.03 18.23 -29.72
CA GLU B 66 -0.04 19.63 -29.32
C GLU B 66 -1.38 20.24 -29.68
N ARG B 67 -2.06 19.74 -30.72
CA ARG B 67 -3.39 20.24 -31.03
C ARG B 67 -4.32 20.06 -29.85
N LEU B 68 -4.15 18.99 -29.08
CA LEU B 68 -4.94 18.79 -27.87
C LEU B 68 -4.34 19.47 -26.66
N ALA B 69 -3.02 19.46 -26.54
CA ALA B 69 -2.35 19.79 -25.28
C ALA B 69 -1.91 21.24 -25.17
N GLU B 70 -1.92 21.99 -26.27
CA GLU B 70 -1.40 23.36 -26.28
C GLU B 70 -1.93 24.24 -25.16
N PRO B 71 -3.23 24.23 -24.81
CA PRO B 71 -3.69 25.10 -23.72
C PRO B 71 -3.13 24.75 -22.36
N HIS B 72 -2.49 23.57 -22.22
CA HIS B 72 -2.15 23.04 -20.91
C HIS B 72 -0.66 22.84 -20.67
N LEU B 73 0.17 22.81 -21.71
CA LEU B 73 1.60 22.58 -21.51
C LEU B 73 2.23 23.81 -20.85
N THR B 74 3.22 23.55 -19.98
CA THR B 74 3.81 24.62 -19.19
C THR B 74 5.34 24.64 -19.22
N TRP B 75 5.99 23.48 -19.37
CA TRP B 75 7.44 23.39 -19.26
C TRP B 75 8.02 22.44 -20.29
N LEU B 76 9.23 22.75 -20.75
CA LEU B 76 10.03 21.85 -21.57
C LEU B 76 11.34 21.56 -20.85
N TRP B 77 11.57 20.28 -20.53
CA TRP B 77 12.82 19.83 -19.92
C TRP B 77 13.69 19.17 -20.99
N ARG B 78 14.98 19.53 -20.99
CA ARG B 78 15.95 18.93 -21.90
C ARG B 78 17.21 18.59 -21.11
N GLU B 79 17.77 17.41 -21.36
CA GLU B 79 18.97 16.99 -20.65
C GLU B 79 20.21 17.55 -21.34
N GLU B 80 20.97 18.38 -20.61
CA GLU B 80 22.21 19.03 -21.04
C GLU B 80 22.15 19.45 -22.51
N PRO B 81 21.30 20.42 -22.84
CA PRO B 81 21.19 20.84 -24.24
C PRO B 81 22.42 21.62 -24.69
N ALA B 82 22.74 21.46 -25.98
CA ALA B 82 23.87 22.19 -26.54
C ALA B 82 23.60 23.68 -26.61
N GLN B 83 22.34 24.08 -26.78
CA GLN B 83 21.92 25.47 -26.75
C GLN B 83 20.74 25.62 -25.80
N GLY B 84 20.68 26.75 -25.13
CA GLY B 84 19.59 26.99 -24.21
C GLY B 84 19.81 26.37 -22.84
N LYS B 85 18.69 26.22 -22.13
CA LYS B 85 18.68 25.80 -20.74
C LYS B 85 18.00 24.45 -20.59
N PRO B 86 18.35 23.70 -19.55
CA PRO B 86 17.62 22.45 -19.26
C PRO B 86 16.13 22.67 -19.05
N LEU B 87 15.72 23.81 -18.51
CA LEU B 87 14.32 24.12 -18.26
C LEU B 87 13.92 25.37 -19.02
N THR B 88 12.84 25.28 -19.79
CA THR B 88 12.30 26.40 -20.56
C THR B 88 10.79 26.47 -20.36
N ALA B 89 10.27 27.66 -20.08
CA ALA B 89 8.83 27.84 -20.06
C ALA B 89 8.27 27.55 -21.45
N TYR B 90 7.10 26.89 -21.49
CA TYR B 90 6.55 26.45 -22.76
C TYR B 90 6.31 27.62 -23.71
N ARG B 91 5.88 28.76 -23.15
CA ARG B 91 5.71 29.99 -23.93
C ARG B 91 6.98 30.41 -24.65
N ASP B 92 8.15 30.13 -24.07
CA ASP B 92 9.42 30.60 -24.60
C ASP B 92 10.11 29.60 -25.51
N THR B 93 9.51 28.44 -25.75
CA THR B 93 10.20 27.38 -26.48
C THR B 93 10.19 27.65 -27.98
N GLN B 94 11.22 27.16 -28.65
CA GLN B 94 11.24 27.09 -30.10
C GLN B 94 10.38 25.91 -30.56
N PRO B 95 9.87 25.95 -31.79
CA PRO B 95 9.19 24.77 -32.34
C PRO B 95 10.10 23.54 -32.30
N LEU B 96 9.49 22.39 -32.06
CA LEU B 96 10.26 21.15 -31.99
C LEU B 96 11.05 20.92 -33.27
N ARG B 97 10.47 21.21 -34.44
CA ARG B 97 11.19 21.03 -35.69
C ARG B 97 12.42 21.91 -35.77
N GLU B 98 12.38 23.09 -35.14
CA GLU B 98 13.54 23.99 -35.18
C GLU B 98 14.65 23.45 -34.28
N MSE B 99 14.30 22.90 -33.12
CA MSE B 99 15.31 22.35 -32.23
C MSE B 99 15.92 21.08 -32.83
O MSE B 99 17.14 20.87 -32.73
CB MSE B 99 14.70 22.07 -30.85
CG MSE B 99 14.41 23.34 -30.09
SE MSE B 99 13.70 22.99 -28.31
CE MSE B 99 11.92 22.35 -28.82
N MSE B 100 15.10 20.28 -33.48
CA MSE B 100 15.65 19.05 -34.10
C MSE B 100 16.54 19.44 -35.29
O MSE B 100 17.47 18.71 -35.58
CB MSE B 100 14.51 18.15 -34.57
CG MSE B 100 13.52 17.79 -33.51
SE MSE B 100 13.20 15.87 -33.60
CE MSE B 100 14.96 15.60 -33.00
N GLY B 101 16.21 20.53 -35.97
CA GLY B 101 17.01 20.93 -37.13
C GLY B 101 18.42 21.36 -36.79
N ALA B 102 18.65 21.75 -35.53
CA ALA B 102 20.00 22.08 -35.06
C ALA B 102 20.80 20.86 -34.67
N MSE B 103 20.27 19.66 -34.88
CA MSE B 103 20.89 18.44 -34.40
C MSE B 103 21.22 17.50 -35.55
O MSE B 103 20.55 17.52 -36.59
CB MSE B 103 20.00 17.75 -33.38
CG MSE B 103 19.59 18.69 -32.26
SE MSE B 103 18.36 17.83 -31.00
CE MSE B 103 19.59 17.50 -29.54
N ASP B 104 22.25 16.69 -35.37
CA ASP B 104 22.57 15.65 -36.34
C ASP B 104 22.45 14.27 -35.68
N GLU B 105 22.88 13.24 -36.42
CA GLU B 105 22.61 11.88 -35.99
C GLU B 105 23.34 11.50 -34.70
N ASP B 106 24.40 12.22 -34.34
CA ASP B 106 25.12 11.91 -33.11
C ASP B 106 24.63 12.70 -31.90
N ASP B 107 23.62 13.55 -32.05
CA ASP B 107 23.03 14.20 -30.90
C ASP B 107 21.99 13.30 -30.24
N HIS B 108 21.83 13.46 -28.93
CA HIS B 108 20.84 12.71 -28.15
C HIS B 108 19.54 13.49 -28.12
N LEU B 109 18.43 12.84 -28.49
CA LEU B 109 17.13 13.50 -28.41
C LEU B 109 16.67 13.51 -26.96
N SER B 110 16.39 14.69 -26.43
CA SER B 110 15.89 14.80 -25.05
C SER B 110 14.89 15.96 -25.02
N PHE B 111 13.61 15.62 -24.95
CA PHE B 111 12.54 16.62 -24.93
C PHE B 111 11.42 16.10 -24.05
N CYS B 112 11.13 16.81 -22.97
CA CYS B 112 10.05 16.41 -22.07
C CYS B 112 9.13 17.60 -21.84
N TYR B 113 7.96 17.59 -22.47
CA TYR B 113 6.95 18.62 -22.26
C TYR B 113 6.01 18.17 -21.16
N THR B 114 5.79 19.05 -20.18
CA THR B 114 4.95 18.73 -19.04
C THR B 114 3.91 19.83 -18.84
N SER B 115 2.95 19.55 -17.95
CA SER B 115 1.87 20.49 -17.67
C SER B 115 1.76 20.84 -16.19
N GLY B 116 2.77 20.53 -15.39
CA GLY B 116 2.72 20.92 -13.99
C GLY B 116 2.72 22.44 -13.84
N LYS B 117 1.99 22.93 -12.84
CA LYS B 117 2.00 24.38 -12.60
C LYS B 117 3.40 24.87 -12.27
N LYS B 118 4.04 24.25 -11.27
CA LYS B 118 5.46 24.46 -11.02
C LYS B 118 6.27 23.46 -11.84
N SER B 119 7.49 23.85 -12.21
CA SER B 119 8.32 22.95 -13.00
C SER B 119 8.60 21.65 -12.26
N ARG B 120 8.53 21.67 -10.93
CA ARG B 120 8.73 20.49 -10.09
C ARG B 120 7.49 19.59 -10.03
N ASP B 121 6.32 20.11 -10.41
CA ASP B 121 5.08 19.36 -10.30
C ASP B 121 4.97 18.29 -11.39
N ALA B 122 4.53 17.10 -10.99
CA ALA B 122 4.00 16.15 -11.96
C ALA B 122 2.77 16.75 -12.63
N GLY B 123 2.61 16.48 -13.92
CA GLY B 123 1.46 16.94 -14.66
C GLY B 123 0.86 15.81 -15.47
N ALA B 124 -0.43 15.97 -15.78
CA ALA B 124 -1.18 14.91 -16.45
C ALA B 124 -1.00 14.91 -17.97
N TRP B 125 -0.53 16.01 -18.55
CA TRP B 125 -0.18 16.06 -19.97
C TRP B 125 1.32 15.88 -20.10
N LEU B 126 1.75 15.00 -20.98
CA LEU B 126 3.17 14.68 -21.13
C LEU B 126 3.47 14.33 -22.58
N PHE B 127 4.62 14.80 -23.07
CA PHE B 127 5.16 14.29 -24.33
C PHE B 127 6.67 14.25 -24.14
N ASP B 128 7.24 13.04 -24.12
CA ASP B 128 8.62 12.84 -23.69
C ASP B 128 9.35 12.00 -24.73
N ILE B 129 10.37 12.57 -25.37
CA ILE B 129 11.21 11.87 -26.32
C ILE B 129 12.57 11.60 -25.69
N TYR B 130 13.01 10.35 -25.76
CA TYR B 130 14.35 9.96 -25.32
C TYR B 130 14.98 9.20 -26.47
N GLY B 131 15.90 9.84 -27.19
CA GLY B 131 16.40 9.28 -28.44
C GLY B 131 17.89 9.01 -28.45
N LYS B 132 18.28 7.78 -28.74
CA LYS B 132 19.69 7.40 -28.68
C LYS B 132 20.47 8.02 -29.84
N ARG B 133 21.75 8.30 -29.58
CA ARG B 133 22.65 8.81 -30.60
C ARG B 133 22.98 7.71 -31.61
N SER B 134 23.36 8.13 -32.82
CA SER B 134 23.72 7.18 -33.86
C SER B 134 24.79 6.21 -33.38
N TRP B 135 25.85 6.72 -32.75
CA TRP B 135 26.94 5.82 -32.32
C TRP B 135 26.51 4.94 -31.16
N GLN B 136 25.62 5.43 -30.31
CA GLN B 136 25.07 4.60 -29.24
C GLN B 136 24.31 3.42 -29.83
N ALA B 137 23.48 3.68 -30.85
CA ALA B 137 22.75 2.61 -31.52
C ALA B 137 23.70 1.62 -32.16
N LYS B 138 24.78 2.11 -32.77
CA LYS B 138 25.72 1.20 -33.42
C LYS B 138 26.55 0.42 -32.41
N MSE B 139 26.72 0.94 -31.19
CA MSE B 139 27.44 0.22 -30.16
C MSE B 139 26.54 -0.76 -29.39
O MSE B 139 27.01 -1.51 -28.54
CB MSE B 139 28.11 1.18 -29.15
CG MSE B 139 29.16 2.11 -29.74
SE MSE B 139 30.67 1.21 -30.59
CE MSE B 139 30.23 1.47 -32.47
N GLY B 140 25.25 -0.73 -29.71
CA GLY B 140 24.29 -1.66 -29.13
C GLY B 140 23.17 -1.02 -28.35
N HIS B 141 23.27 0.26 -27.95
CA HIS B 141 22.20 0.91 -27.19
C HIS B 141 21.27 1.63 -28.17
N ASP B 142 20.43 0.85 -28.85
CA ASP B 142 19.71 1.34 -30.02
C ASP B 142 18.23 1.61 -29.80
N LEU B 143 17.71 1.46 -28.58
CA LEU B 143 16.27 1.53 -28.34
C LEU B 143 15.94 2.89 -27.72
N SER B 144 15.06 3.63 -28.40
CA SER B 144 14.57 4.91 -27.93
C SER B 144 13.13 4.78 -27.42
N VAL B 145 12.64 5.84 -26.79
CA VAL B 145 11.34 5.79 -26.12
C VAL B 145 10.58 7.08 -26.39
N LEU B 146 9.30 6.95 -26.73
CA LEU B 146 8.34 8.05 -26.71
C LEU B 146 7.29 7.73 -25.68
N GLU B 147 7.06 8.64 -24.73
CA GLU B 147 5.97 8.50 -23.76
C GLU B 147 5.11 9.74 -23.83
N PHE B 148 3.80 9.55 -23.72
CA PHE B 148 2.90 10.68 -23.78
C PHE B 148 1.66 10.36 -22.97
N SER B 149 0.97 11.40 -22.50
CA SER B 149 -0.17 11.14 -21.65
C SER B 149 -1.18 12.26 -21.74
N VAL B 150 -2.41 11.92 -21.38
CA VAL B 150 -3.50 12.88 -21.23
C VAL B 150 -4.17 12.63 -19.88
N PRO B 151 -4.90 13.62 -19.37
CA PRO B 151 -5.63 13.44 -18.11
C PRO B 151 -6.75 12.43 -18.23
N LEU B 152 -7.10 11.82 -17.10
CA LEU B 152 -8.21 10.89 -17.07
C LEU B 152 -9.53 11.58 -17.43
N LEU B 153 -9.72 12.81 -16.96
CA LEU B 153 -10.96 13.52 -17.27
C LEU B 153 -11.04 13.84 -18.76
N TYR B 154 -9.91 14.17 -19.38
CA TYR B 154 -9.91 14.35 -20.82
C TYR B 154 -10.33 13.07 -21.53
N GLN B 155 -9.77 11.94 -21.10
CA GLN B 155 -10.13 10.66 -21.71
C GLN B 155 -11.61 10.37 -21.58
N GLU B 156 -12.21 10.67 -20.42
CA GLU B 156 -13.65 10.41 -20.28
C GLU B 156 -14.48 11.30 -21.21
N ARG B 157 -14.04 12.54 -21.45
CA ARG B 157 -14.80 13.43 -22.32
C ARG B 157 -14.52 13.21 -23.81
N GLN B 158 -13.34 12.70 -24.16
CA GLN B 158 -12.96 12.45 -25.54
C GLN B 158 -12.37 11.05 -25.64
N PRO B 159 -13.21 10.01 -25.56
CA PRO B 159 -12.69 8.64 -25.36
C PRO B 159 -11.95 8.06 -26.55
N LEU B 160 -11.96 8.70 -27.71
CA LEU B 160 -11.22 8.20 -28.87
C LEU B 160 -9.94 8.95 -29.14
N ASP B 161 -9.67 10.06 -28.44
CA ASP B 161 -8.55 10.92 -28.83
C ASP B 161 -7.20 10.29 -28.51
N PHE B 162 -6.99 9.86 -27.25
CA PHE B 162 -5.72 9.22 -26.91
C PHE B 162 -5.51 7.96 -27.74
N LEU B 163 -6.56 7.14 -27.87
CA LEU B 163 -6.46 5.93 -28.66
C LEU B 163 -6.00 6.24 -30.09
N GLN B 164 -6.59 7.27 -30.71
CA GLN B 164 -6.19 7.66 -32.05
C GLN B 164 -4.71 8.07 -32.09
N LEU B 165 -4.25 8.80 -31.08
CA LEU B 165 -2.84 9.18 -31.02
C LEU B 165 -1.95 7.94 -30.95
N PHE B 166 -2.31 6.99 -30.07
CA PHE B 166 -1.46 5.82 -29.90
C PHE B 166 -1.31 5.03 -31.19
N ILE B 167 -2.41 4.85 -31.92
CA ILE B 167 -2.35 4.14 -33.20
C ILE B 167 -1.58 4.97 -34.22
N ASP B 168 -1.87 6.27 -34.32
CA ASP B 168 -1.16 7.13 -35.27
C ASP B 168 0.33 7.12 -35.01
N PHE B 169 0.74 7.17 -33.73
CA PHE B 169 2.16 7.19 -33.43
C PHE B 169 2.81 5.85 -33.75
N ALA B 170 2.12 4.75 -33.43
CA ALA B 170 2.64 3.43 -33.76
C ALA B 170 2.86 3.30 -35.26
N ARG B 171 1.90 3.81 -36.03
CA ARG B 171 1.99 3.73 -37.48
C ARG B 171 3.22 4.43 -38.03
N ARG B 172 3.59 5.56 -37.44
CA ARG B 172 4.77 6.31 -37.96
C ARG B 172 6.10 5.80 -37.41
N LEU B 173 6.13 5.29 -36.19
CA LEU B 173 7.40 4.97 -35.56
C LEU B 173 7.77 3.50 -35.69
N GLU B 174 6.83 2.64 -36.12
CA GLU B 174 6.99 1.20 -36.21
C GLU B 174 7.73 0.65 -34.98
N PRO B 175 7.16 0.78 -33.79
CA PRO B 175 7.88 0.45 -32.56
C PRO B 175 8.13 -1.03 -32.41
N GLU B 176 9.08 -1.35 -31.52
CA GLU B 176 9.35 -2.74 -31.20
C GLU B 176 8.29 -3.30 -30.26
N GLN B 177 7.82 -2.48 -29.32
CA GLN B 177 6.90 -2.91 -28.27
C GLN B 177 6.36 -1.66 -27.60
N GLY B 178 5.30 -1.83 -26.84
CA GLY B 178 4.69 -0.68 -26.21
C GLY B 178 3.42 -1.07 -25.47
N TYR B 179 2.87 -0.10 -24.77
CA TYR B 179 1.66 -0.30 -23.96
C TYR B 179 1.09 1.06 -23.60
N ALA B 180 -0.18 1.06 -23.21
CA ALA B 180 -0.82 2.28 -22.74
C ALA B 180 -1.89 1.92 -21.72
N GLY B 181 -2.10 2.82 -20.78
CA GLY B 181 -3.10 2.61 -19.74
C GLY B 181 -2.83 3.56 -18.58
N HIS B 182 -3.37 3.21 -17.42
CA HIS B 182 -3.12 4.03 -16.24
C HIS B 182 -1.65 4.01 -15.84
N ALA B 183 -1.15 5.18 -15.46
CA ALA B 183 0.20 5.32 -14.91
C ALA B 183 0.26 6.61 -14.11
N TYR B 184 1.24 6.68 -13.23
CA TYR B 184 1.56 7.92 -12.53
C TYR B 184 2.71 8.61 -13.23
N ASN B 185 2.49 9.84 -13.67
CA ASN B 185 3.62 10.71 -13.99
C ASN B 185 4.20 11.20 -12.68
N LEU B 186 5.52 11.14 -12.53
CA LEU B 186 6.19 11.62 -11.34
C LEU B 186 6.82 12.98 -11.61
N SER B 187 7.23 13.64 -10.52
CA SER B 187 7.88 14.92 -10.62
C SER B 187 9.09 14.83 -11.56
N PRO B 188 9.24 15.77 -12.50
CA PRO B 188 10.36 15.69 -13.45
C PRO B 188 11.72 15.78 -12.79
N THR B 189 11.81 16.41 -11.63
CA THR B 189 13.09 16.60 -10.96
C THR B 189 13.21 15.86 -9.64
N SER B 190 12.10 15.57 -8.97
CA SER B 190 12.13 15.03 -7.62
C SER B 190 11.58 13.61 -7.55
N TRP B 191 11.60 12.88 -8.66
CA TRP B 191 10.95 11.58 -8.76
C TRP B 191 11.49 10.57 -7.74
N ASP B 192 12.76 10.72 -7.31
CA ASP B 192 13.28 9.80 -6.32
C ASP B 192 12.50 9.90 -5.01
N ASN B 193 11.97 11.08 -4.69
CA ASN B 193 11.08 11.22 -3.54
C ASN B 193 9.77 10.49 -3.73
N ASP B 194 9.38 10.26 -4.98
CA ASP B 194 8.01 9.90 -5.28
C ASP B 194 7.84 8.49 -5.84
N GLU B 195 8.92 7.81 -6.21
CA GLU B 195 8.82 6.38 -6.51
C GLU B 195 8.12 5.59 -5.40
N PRO B 196 8.33 5.88 -4.11
CA PRO B 196 7.59 5.11 -3.10
C PRO B 196 6.08 5.23 -3.23
N SER B 197 5.58 6.40 -3.64
CA SER B 197 4.14 6.53 -3.88
C SER B 197 3.69 5.61 -5.00
N GLU B 198 4.48 5.53 -6.08
CA GLU B 198 4.17 4.62 -7.18
C GLU B 198 4.21 3.16 -6.71
N ALA B 199 5.18 2.81 -5.87
CA ALA B 199 5.29 1.42 -5.41
C ALA B 199 4.11 1.04 -4.54
N PHE B 200 3.66 1.96 -3.68
CA PHE B 200 2.50 1.70 -2.83
C PHE B 200 1.25 1.51 -3.67
N MSE B 201 1.08 2.33 -4.69
CA MSE B 201 -0.06 2.22 -5.59
C MSE B 201 -0.03 0.94 -6.41
O MSE B 201 -1.07 0.31 -6.63
CB MSE B 201 -0.11 3.45 -6.49
CG MSE B 201 -0.59 4.70 -5.78
SE MSE B 201 -2.40 4.43 -5.10
CE MSE B 201 -2.18 5.18 -3.36
N ALA B 202 1.17 0.54 -6.86
CA ALA B 202 1.30 -0.63 -7.71
C ALA B 202 0.76 -1.88 -7.03
N ALA B 203 1.00 -2.02 -5.72
CA ALA B 203 0.53 -3.19 -4.99
C ALA B 203 -1.00 -3.24 -4.92
N ARG B 204 -1.68 -2.11 -5.09
CA ARG B 204 -3.13 -2.03 -5.01
C ARG B 204 -3.83 -2.00 -6.35
N MSE B 205 -3.13 -1.60 -7.42
CA MSE B 205 -3.74 -1.39 -8.72
C MSE B 205 -3.02 -2.21 -9.78
O MSE B 205 -2.06 -1.72 -10.38
CB MSE B 205 -3.71 0.10 -9.09
CG MSE B 205 -4.33 1.07 -8.08
SE MSE B 205 -3.65 2.89 -8.41
CE MSE B 205 -1.93 2.32 -8.91
N PRO B 206 -3.48 -3.44 -10.02
CA PRO B 206 -2.76 -4.31 -10.97
C PRO B 206 -2.75 -3.79 -12.39
N GLY B 207 -3.67 -2.91 -12.76
CA GLY B 207 -3.68 -2.34 -14.09
C GLY B 207 -2.76 -1.15 -14.30
N LEU B 208 -2.01 -0.77 -13.27
CA LEU B 208 -1.14 0.39 -13.34
C LEU B 208 0.22 0.01 -13.89
N ASP B 209 0.71 0.76 -14.87
CA ASP B 209 2.09 0.61 -15.28
C ASP B 209 3.00 1.36 -14.33
N VAL B 210 4.20 0.80 -14.10
CA VAL B 210 5.18 1.34 -13.15
C VAL B 210 6.54 1.38 -13.83
N GLY B 211 7.32 2.40 -13.47
CA GLY B 211 8.72 2.46 -13.86
C GLY B 211 9.00 3.53 -14.89
N THR B 212 10.25 3.56 -15.34
CA THR B 212 10.77 4.59 -16.24
C THR B 212 11.30 3.91 -17.49
N ALA B 213 10.54 4.00 -18.59
CA ALA B 213 10.88 3.26 -19.80
C ALA B 213 12.26 3.62 -20.32
N CYS B 214 12.64 4.91 -20.26
CA CYS B 214 13.93 5.29 -20.81
C CYS B 214 15.10 4.71 -20.01
N LEU B 215 14.91 4.38 -18.73
CA LEU B 215 15.94 3.67 -17.97
C LEU B 215 15.95 2.18 -18.29
N LEU B 216 14.79 1.61 -18.62
CA LEU B 216 14.70 0.19 -18.93
C LEU B 216 15.25 -0.13 -20.31
N ALA B 217 15.13 0.82 -21.25
CA ALA B 217 15.17 0.51 -22.68
C ALA B 217 16.45 -0.19 -23.12
N ASN B 218 17.60 0.19 -22.56
CA ASN B 218 18.86 -0.36 -23.04
C ASN B 218 19.64 -1.11 -21.97
N THR B 219 18.93 -1.60 -20.95
CA THR B 219 19.51 -2.52 -19.99
C THR B 219 19.74 -3.89 -20.65
N PRO B 220 20.69 -4.67 -20.15
CA PRO B 220 20.86 -6.03 -20.70
C PRO B 220 19.60 -6.88 -20.57
N GLU B 221 18.80 -6.63 -19.53
CA GLU B 221 17.57 -7.40 -19.34
C GLU B 221 16.57 -7.19 -20.46
N PHE B 222 16.68 -6.08 -21.19
CA PHE B 222 15.68 -5.79 -22.25
C PHE B 222 16.07 -6.40 -23.60
N LYS B 223 17.25 -7.00 -23.71
CA LYS B 223 17.68 -7.55 -25.00
C LYS B 223 16.75 -8.63 -25.56
N PRO B 224 16.20 -9.56 -24.78
CA PRO B 224 15.33 -10.58 -25.37
C PRO B 224 14.14 -9.97 -26.11
N THR B 225 13.65 -10.73 -27.10
CA THR B 225 12.51 -10.30 -27.92
C THR B 225 11.22 -10.59 -27.15
N ARG B 226 10.95 -9.74 -26.16
CA ARG B 226 9.89 -9.99 -25.18
C ARG B 226 9.22 -8.67 -24.85
N ILE B 227 8.19 -8.72 -24.00
CA ILE B 227 7.47 -7.51 -23.58
C ILE B 227 7.46 -7.40 -22.07
N LYS B 228 7.34 -6.16 -21.60
CA LYS B 228 7.28 -5.90 -20.16
C LYS B 228 5.92 -6.22 -19.58
N THR B 229 4.85 -5.77 -20.24
CA THR B 229 3.54 -5.86 -19.63
C THR B 229 2.48 -5.68 -20.71
N VAL B 230 1.30 -6.18 -20.41
CA VAL B 230 0.10 -5.79 -21.13
C VAL B 230 -0.57 -4.66 -20.35
N SER B 231 -1.42 -3.91 -21.04
CA SER B 231 -2.26 -2.91 -20.38
C SER B 231 -3.49 -2.73 -21.24
N TRP B 232 -4.15 -1.57 -21.11
CA TRP B 232 -5.33 -1.30 -21.93
C TRP B 232 -5.00 -1.42 -23.41
N LEU B 233 -3.88 -0.83 -23.82
CA LEU B 233 -3.36 -1.02 -25.17
C LEU B 233 -2.02 -1.74 -25.05
N THR B 234 -1.79 -2.72 -25.91
CA THR B 234 -0.56 -3.49 -25.95
C THR B 234 -0.07 -3.54 -27.38
N LEU B 235 1.18 -3.15 -27.62
CA LEU B 235 1.74 -3.11 -28.97
C LEU B 235 2.78 -4.22 -29.13
N LEU B 236 2.62 -5.02 -30.18
CA LEU B 236 3.58 -6.04 -30.55
C LEU B 236 4.05 -5.78 -31.98
N ASN B 237 5.37 -5.73 -32.20
CA ASN B 237 5.83 -5.72 -33.58
C ASN B 237 5.63 -7.11 -34.18
N ASN B 238 5.85 -7.21 -35.49
CA ASN B 238 5.55 -8.48 -36.16
C ASN B 238 6.36 -9.64 -35.59
N GLU B 239 7.60 -9.38 -35.16
CA GLU B 239 8.39 -10.48 -34.61
C GLU B 239 7.80 -10.97 -33.29
N ARG B 240 7.42 -10.06 -32.39
CA ARG B 240 6.78 -10.48 -31.15
C ARG B 240 5.42 -11.12 -31.43
N LEU B 241 4.69 -10.60 -32.40
CA LEU B 241 3.41 -11.19 -32.76
C LEU B 241 3.58 -12.64 -33.22
N ALA B 242 4.61 -12.92 -34.01
CA ALA B 242 4.87 -14.30 -34.44
C ALA B 242 5.27 -15.18 -33.28
N LEU B 243 6.11 -14.67 -32.36
CA LEU B 243 6.49 -15.44 -31.19
C LEU B 243 5.30 -15.72 -30.28
N ALA B 244 4.25 -14.89 -30.33
CA ALA B 244 3.06 -15.11 -29.51
C ALA B 244 2.07 -16.06 -30.17
N GLY B 245 2.38 -16.59 -31.34
CA GLY B 245 1.52 -17.52 -32.04
C GLY B 245 0.89 -16.97 -33.30
N GLY B 246 1.03 -15.69 -33.58
CA GLY B 246 0.39 -15.08 -34.73
C GLY B 246 -0.96 -14.48 -34.39
N LEU B 247 -1.43 -13.62 -35.29
CA LEU B 247 -2.67 -12.87 -35.03
C LEU B 247 -3.88 -13.80 -34.96
N ASP B 248 -3.94 -14.81 -35.84
CA ASP B 248 -5.05 -15.76 -35.79
C ASP B 248 -5.13 -16.43 -34.43
N ALA B 249 -3.99 -16.90 -33.91
CA ALA B 249 -3.99 -17.62 -32.64
C ALA B 249 -4.36 -16.71 -31.47
N LEU B 250 -4.07 -15.41 -31.57
CA LEU B 250 -4.43 -14.50 -30.48
C LEU B 250 -5.93 -14.17 -30.49
N ARG B 251 -6.49 -13.91 -31.68
CA ARG B 251 -7.91 -13.61 -31.77
C ARG B 251 -8.76 -14.79 -31.33
N ALA B 252 -8.20 -16.01 -31.40
CA ALA B 252 -8.89 -17.18 -30.87
C ALA B 252 -8.97 -17.18 -29.34
N GLN B 253 -8.10 -16.42 -28.67
CA GLN B 253 -8.09 -16.37 -27.20
C GLN B 253 -8.68 -15.10 -26.63
N LEU B 254 -9.04 -14.12 -27.46
CA LEU B 254 -9.45 -12.81 -26.97
C LEU B 254 -10.78 -12.43 -27.62
N PRO B 255 -11.90 -12.65 -26.93
CA PRO B 255 -13.21 -12.44 -27.55
C PRO B 255 -13.36 -11.05 -28.15
N SER B 256 -13.80 -11.01 -29.41
CA SER B 256 -13.93 -9.75 -30.14
C SER B 256 -15.02 -8.85 -29.55
N SER B 257 -15.84 -9.37 -28.64
CA SER B 257 -16.78 -8.53 -27.92
C SER B 257 -16.05 -7.52 -27.02
N HIS B 258 -14.83 -7.85 -26.60
CA HIS B 258 -14.13 -7.02 -25.63
C HIS B 258 -12.70 -6.67 -26.04
N PHE B 259 -12.14 -7.33 -27.05
CA PHE B 259 -10.80 -7.05 -27.52
C PHE B 259 -10.86 -6.58 -28.97
N ALA B 260 -10.14 -5.50 -29.26
CA ALA B 260 -10.04 -4.97 -30.61
C ALA B 260 -8.59 -5.04 -31.06
N PHE B 261 -8.38 -5.18 -32.36
CA PHE B 261 -7.06 -5.30 -32.95
C PHE B 261 -6.89 -4.24 -34.03
N TYR B 262 -5.81 -3.49 -33.92
CA TYR B 262 -5.48 -2.45 -34.88
C TYR B 262 -4.19 -2.85 -35.57
N ARG B 263 -4.31 -3.26 -36.83
CA ARG B 263 -3.14 -3.51 -37.65
C ARG B 263 -2.69 -2.18 -38.23
N TYR B 264 -1.65 -1.63 -37.64
CA TYR B 264 -0.84 -0.63 -38.33
C TYR B 264 0.16 -1.42 -39.16
N GLY B 265 1.13 -0.75 -39.77
CA GLY B 265 2.04 -1.39 -40.71
C GLY B 265 2.66 -2.73 -40.36
N ASP B 266 3.63 -2.74 -39.44
CA ASP B 266 4.43 -3.93 -39.18
C ASP B 266 4.23 -4.44 -37.76
N GLY B 267 2.99 -4.38 -37.28
CA GLY B 267 2.68 -4.89 -35.97
C GLY B 267 1.21 -4.69 -35.70
N VAL B 268 0.81 -4.93 -34.45
CA VAL B 268 -0.58 -4.82 -34.06
C VAL B 268 -0.66 -4.14 -32.70
N VAL B 269 -1.71 -3.35 -32.50
CA VAL B 269 -2.10 -2.85 -31.18
C VAL B 269 -3.35 -3.60 -30.76
N ILE B 270 -3.32 -4.15 -29.55
CA ILE B 270 -4.45 -4.84 -28.96
C ILE B 270 -5.09 -3.92 -27.94
N GLN B 271 -6.42 -3.75 -28.03
CA GLN B 271 -7.17 -2.98 -27.05
C GLN B 271 -7.91 -3.96 -26.15
N ALA B 272 -7.60 -3.93 -24.86
CA ALA B 272 -8.18 -4.86 -23.89
C ALA B 272 -9.28 -4.16 -23.11
N GLY B 273 -10.50 -4.21 -23.63
CA GLY B 273 -11.64 -3.66 -22.91
C GLY B 273 -12.07 -2.31 -23.42
N ALA B 274 -13.24 -1.88 -22.92
CA ALA B 274 -13.91 -0.68 -23.40
C ALA B 274 -13.23 0.60 -22.91
N TYR B 275 -12.40 0.50 -21.88
CA TYR B 275 -11.68 1.63 -21.31
C TYR B 275 -10.52 1.07 -20.50
N PRO B 276 -9.53 1.90 -20.16
CA PRO B 276 -8.45 1.40 -19.31
C PRO B 276 -8.95 1.07 -17.92
N TYR B 277 -8.32 0.05 -17.31
CA TYR B 277 -8.73 -0.49 -16.02
C TYR B 277 -7.65 -0.27 -14.97
N ILE B 278 -8.04 0.35 -13.85
CA ILE B 278 -7.16 0.48 -12.69
C ILE B 278 -7.05 -0.84 -11.95
N ALA B 279 -8.19 -1.49 -11.73
CA ALA B 279 -8.26 -2.71 -10.94
C ALA B 279 -9.51 -3.47 -11.36
N GLY B 280 -9.88 -4.49 -10.57
CA GLY B 280 -11.01 -5.34 -10.91
C GLY B 280 -12.27 -5.05 -10.13
N ASP B 281 -12.67 -5.97 -9.26
CA ASP B 281 -13.91 -5.84 -8.52
C ASP B 281 -13.65 -6.19 -7.05
N ALA B 282 -14.72 -6.31 -6.29
CA ALA B 282 -14.59 -6.64 -4.87
C ALA B 282 -13.95 -8.00 -4.68
N GLU B 283 -14.18 -8.93 -5.61
CA GLU B 283 -13.67 -10.29 -5.46
C GLU B 283 -12.19 -10.38 -5.82
N ASP B 284 -11.78 -9.71 -6.90
CA ASP B 284 -10.42 -9.82 -7.39
C ASP B 284 -9.98 -8.48 -7.96
N SER B 285 -8.82 -8.00 -7.52
CA SER B 285 -8.33 -6.69 -7.94
C SER B 285 -7.76 -6.68 -9.35
N ARG B 286 -7.62 -7.82 -10.00
CA ARG B 286 -7.05 -7.89 -11.36
C ARG B 286 -8.13 -7.64 -12.40
N PRO B 287 -7.92 -6.71 -13.34
CA PRO B 287 -8.94 -6.47 -14.38
C PRO B 287 -9.10 -7.68 -15.30
N ALA B 288 -10.34 -8.12 -15.49
CA ALA B 288 -10.59 -9.30 -16.32
C ALA B 288 -10.01 -9.18 -17.74
N PRO B 289 -10.15 -8.07 -18.47
CA PRO B 289 -9.57 -8.06 -19.82
C PRO B 289 -8.05 -8.17 -19.79
N TYR B 290 -7.39 -7.58 -18.79
CA TYR B 290 -5.94 -7.68 -18.73
C TYR B 290 -5.50 -9.10 -18.35
N VAL B 291 -6.25 -9.76 -17.47
CA VAL B 291 -5.91 -11.14 -17.10
C VAL B 291 -5.93 -12.04 -18.33
N LEU B 292 -6.95 -11.89 -19.17
CA LEU B 292 -7.05 -12.74 -20.34
C LEU B 292 -5.94 -12.44 -21.35
N LEU B 293 -5.62 -11.16 -21.56
CA LEU B 293 -4.55 -10.84 -22.49
C LEU B 293 -3.19 -11.25 -21.94
N ASN B 294 -2.95 -11.02 -20.65
CA ASN B 294 -1.69 -11.43 -20.05
C ASN B 294 -1.50 -12.94 -20.16
N HIS B 295 -2.58 -13.71 -20.01
CA HIS B 295 -2.49 -15.16 -20.16
C HIS B 295 -2.05 -15.54 -21.57
N ALA B 296 -2.59 -14.85 -22.58
CA ALA B 296 -2.24 -15.17 -23.97
C ALA B 296 -0.80 -14.79 -24.31
N LEU B 297 -0.25 -13.77 -23.65
CA LEU B 297 1.04 -13.22 -24.03
C LEU B 297 2.17 -13.52 -23.05
N LYS B 298 1.89 -14.18 -21.92
CA LYS B 298 2.96 -14.32 -20.93
C LYS B 298 4.11 -15.18 -21.41
N GLY B 299 3.90 -15.97 -22.47
CA GLY B 299 5.00 -16.70 -23.08
C GLY B 299 6.06 -15.81 -23.71
N ILE B 300 5.74 -14.56 -23.99
CA ILE B 300 6.72 -13.61 -24.53
C ILE B 300 6.98 -12.46 -23.56
N ARG B 301 6.72 -12.66 -22.27
CA ARG B 301 7.01 -11.64 -21.27
C ARG B 301 8.44 -11.79 -20.75
N TYR B 302 9.09 -10.66 -20.47
CA TYR B 302 10.41 -10.70 -19.86
C TYR B 302 10.33 -11.46 -18.54
N GLU B 303 11.33 -12.33 -18.30
CA GLU B 303 11.40 -13.00 -17.01
C GLU B 303 11.84 -12.05 -15.91
N THR B 304 12.67 -11.06 -16.26
CA THR B 304 13.08 -10.01 -15.36
C THR B 304 13.42 -8.79 -16.20
N ILE B 305 13.21 -7.60 -15.63
CA ILE B 305 13.67 -6.36 -16.25
C ILE B 305 14.59 -5.59 -15.32
N GLY B 306 15.09 -6.23 -14.28
CA GLY B 306 15.83 -5.52 -13.27
C GLY B 306 14.90 -4.73 -12.38
N SER B 307 15.50 -3.84 -11.59
CA SER B 307 14.72 -3.04 -10.67
C SER B 307 13.92 -1.97 -11.41
N LEU B 308 12.71 -1.73 -10.94
CA LEU B 308 11.86 -0.66 -11.47
C LEU B 308 12.17 0.68 -10.86
N HIS B 309 12.69 0.69 -9.63
CA HIS B 309 12.92 1.89 -8.84
C HIS B 309 14.37 1.94 -8.38
N GLY B 310 14.77 3.10 -7.86
CA GLY B 310 16.05 3.22 -7.18
C GLY B 310 16.02 2.52 -5.82
N GLY B 311 17.18 2.54 -5.17
CA GLY B 311 17.31 1.91 -3.87
C GLY B 311 16.62 2.70 -2.77
N SER B 312 16.23 1.99 -1.71
CA SER B 312 15.58 2.62 -0.57
C SER B 312 16.62 3.31 0.31
N HIS B 313 16.29 4.54 0.74
CA HIS B 313 17.21 5.34 1.53
C HIS B 313 17.01 5.16 3.03
N ASP B 314 15.77 5.28 3.49
CA ASP B 314 15.45 5.30 4.92
C ASP B 314 14.15 4.53 5.15
N GLY B 315 14.07 3.33 4.60
CA GLY B 315 12.96 2.44 4.85
C GLY B 315 11.77 2.60 3.94
N GLU B 316 11.85 3.47 2.93
CA GLU B 316 10.69 3.67 2.07
C GLU B 316 10.55 2.52 1.08
N LEU B 317 9.33 2.37 0.57
CA LEU B 317 9.00 1.30 -0.37
C LEU B 317 9.62 1.56 -1.74
N ARG B 318 10.24 0.53 -2.31
CA ARG B 318 10.80 0.61 -3.66
C ARG B 318 10.65 -0.73 -4.35
N LEU B 319 10.24 -0.71 -5.61
CA LEU B 319 10.12 -1.95 -6.38
C LEU B 319 11.49 -2.28 -6.97
N VAL B 320 12.29 -3.03 -6.20
CA VAL B 320 13.61 -3.46 -6.60
C VAL B 320 13.69 -4.97 -6.50
N GLY B 321 14.64 -5.54 -7.25
CA GLY B 321 14.97 -6.96 -7.16
C GLY B 321 13.80 -7.91 -7.24
N TRP B 322 13.63 -8.72 -6.18
CA TRP B 322 12.58 -9.74 -6.17
C TRP B 322 11.20 -9.12 -6.37
N ALA B 323 10.96 -7.95 -5.76
CA ALA B 323 9.63 -7.34 -5.84
C ALA B 323 9.32 -6.88 -7.26
N ALA B 324 10.33 -6.39 -7.98
CA ALA B 324 10.12 -6.02 -9.37
C ALA B 324 9.79 -7.24 -10.22
N ASP B 325 10.52 -8.34 -10.02
CA ASP B 325 10.21 -9.58 -10.73
C ASP B 325 8.79 -10.04 -10.43
N GLN B 326 8.35 -9.91 -9.17
CA GLN B 326 6.98 -10.31 -8.83
C GLN B 326 5.95 -9.40 -9.49
N TRP B 327 6.25 -8.10 -9.58
CA TRP B 327 5.33 -7.18 -10.23
C TRP B 327 5.03 -7.61 -11.67
N LEU B 328 6.03 -8.13 -12.37
CA LEU B 328 5.82 -8.59 -13.75
C LEU B 328 4.76 -9.66 -13.84
N LYS B 329 4.59 -10.45 -12.79
CA LYS B 329 3.69 -11.61 -12.75
C LYS B 329 2.33 -11.28 -12.15
N ARG B 330 2.03 -10.00 -11.89
CA ARG B 330 0.88 -9.65 -11.06
C ARG B 330 -0.46 -10.08 -11.66
N LEU B 331 -0.54 -10.28 -12.97
CA LEU B 331 -1.80 -10.64 -13.61
C LEU B 331 -1.95 -12.14 -13.86
N ASP B 332 -0.92 -12.94 -13.55
CA ASP B 332 -0.95 -14.36 -13.87
C ASP B 332 -2.03 -15.09 -13.10
N VAL B 333 -2.68 -16.05 -13.78
CA VAL B 333 -3.68 -16.93 -13.19
C VAL B 333 -3.39 -18.36 -13.65
N GLU B 334 -4.05 -19.32 -13.00
CA GLU B 334 -3.94 -20.71 -13.41
C GLU B 334 -4.78 -20.97 -14.67
N ASP B 335 -4.27 -21.86 -15.53
CA ASP B 335 -4.98 -22.23 -16.76
C ASP B 335 -6.42 -22.64 -16.48
N SER B 336 -6.65 -23.36 -15.38
CA SER B 336 -7.98 -23.88 -15.08
C SER B 336 -8.97 -22.78 -14.76
N GLU B 337 -8.51 -21.58 -14.42
CA GLU B 337 -9.41 -20.50 -14.03
C GLU B 337 -9.80 -19.62 -15.21
N ILE B 338 -9.26 -19.88 -16.40
CA ILE B 338 -9.55 -19.02 -17.55
C ILE B 338 -11.03 -19.00 -17.91
N PRO B 339 -11.75 -20.13 -17.99
CA PRO B 339 -13.19 -20.04 -18.28
C PRO B 339 -13.95 -19.16 -17.31
N ARG B 340 -13.59 -19.18 -16.03
CA ARG B 340 -14.27 -18.29 -15.07
C ARG B 340 -13.98 -16.83 -15.40
N TRP B 341 -12.77 -16.52 -15.84
CA TRP B 341 -12.45 -15.15 -16.23
C TRP B 341 -13.17 -14.75 -17.52
N CYS B 342 -13.35 -15.71 -18.45
CA CYS B 342 -14.16 -15.46 -19.64
C CYS B 342 -15.60 -15.13 -19.26
N ASP B 343 -16.15 -15.84 -18.27
CA ASP B 343 -17.51 -15.57 -17.83
C ASP B 343 -17.62 -14.20 -17.16
N LYS B 344 -16.61 -13.84 -16.36
CA LYS B 344 -16.64 -12.54 -15.70
C LYS B 344 -16.58 -11.41 -16.72
N LEU B 345 -15.77 -11.58 -17.76
CA LEU B 345 -15.71 -10.61 -18.85
C LEU B 345 -17.09 -10.33 -19.42
N LEU B 346 -17.81 -11.38 -19.81
CA LEU B 346 -19.06 -11.18 -20.54
C LEU B 346 -20.17 -10.67 -19.63
N SER B 347 -20.17 -11.03 -18.35
CA SER B 347 -21.29 -10.66 -17.49
C SER B 347 -21.12 -9.29 -16.86
N ALA B 348 -19.89 -8.86 -16.59
CA ALA B 348 -19.65 -7.67 -15.79
C ALA B 348 -19.00 -6.53 -16.55
N GLU B 349 -18.45 -6.77 -17.74
CA GLU B 349 -17.66 -5.72 -18.35
C GLU B 349 -18.35 -5.17 -19.60
N PRO B 350 -18.30 -3.86 -19.81
CA PRO B 350 -18.95 -3.28 -21.00
C PRO B 350 -18.30 -3.76 -22.29
N TYR B 351 -19.12 -3.90 -23.32
CA TYR B 351 -18.69 -4.36 -24.63
C TYR B 351 -18.10 -3.22 -25.46
N LEU B 352 -17.26 -3.59 -26.41
CA LEU B 352 -16.76 -2.63 -27.39
C LEU B 352 -17.86 -2.18 -28.33
N ASP B 353 -17.86 -0.90 -28.69
CA ASP B 353 -18.80 -0.39 -29.67
C ASP B 353 -18.18 0.80 -30.38
N ALA B 354 -18.98 1.49 -31.18
CA ALA B 354 -18.46 2.62 -31.96
C ALA B 354 -18.05 3.81 -31.10
N THR B 355 -18.46 3.85 -29.84
CA THR B 355 -18.11 4.97 -28.98
C THR B 355 -16.76 4.79 -28.28
N ASN B 356 -16.20 3.58 -28.27
CA ASN B 356 -14.96 3.36 -27.50
C ASN B 356 -13.88 2.63 -28.28
N THR B 357 -14.07 2.41 -29.59
CA THR B 357 -13.04 1.86 -30.47
C THR B 357 -12.91 2.75 -31.69
N LEU B 358 -11.79 2.61 -32.40
CA LEU B 358 -11.65 3.30 -33.69
C LEU B 358 -12.33 2.49 -34.78
N PRO B 359 -12.94 3.15 -35.76
CA PRO B 359 -13.60 2.41 -36.86
C PRO B 359 -12.67 1.49 -37.63
N GLU B 360 -11.37 1.73 -37.62
CA GLU B 360 -10.45 0.91 -38.39
C GLU B 360 -10.09 -0.40 -37.72
N ARG B 361 -10.70 -0.72 -36.57
CA ARG B 361 -10.43 -2.01 -35.94
C ARG B 361 -10.68 -3.13 -36.93
N LEU B 362 -9.88 -4.17 -36.86
CA LEU B 362 -10.16 -5.34 -37.68
C LEU B 362 -11.60 -5.78 -37.44
#